data_3PZ8
#
_entry.id   3PZ8
#
_cell.length_a   92.687
_cell.length_b   106.780
_cell.length_c   265.957
_cell.angle_alpha   90.00
_cell.angle_beta   90.00
_cell.angle_gamma   90.00
#
_symmetry.space_group_name_H-M   'I 21 21 21'
#
loop_
_entity.id
_entity.type
_entity.pdbx_description
1 polymer 'Segment polarity protein dishevelled homolog DVL-1'
2 water water
#
_entity_poly.entity_id   1
_entity_poly.type   'polypeptide(L)'
_entity_poly.pdbx_seq_one_letter_code
;GPHMDTKIIYHMDEEETPDLVKLPVAPERVTLADFKNVLSNRPVHAYKFFFKSMDQDFGVVKEEIFDDNAKLPCFNGRVV
SWLVLAEGAHSDAGSQGTDSHTDLPP
;
_entity_poly.pdbx_strand_id   A,B,C,D,E,F,G,H
#
# COMPACT_ATOMS: atom_id res chain seq x y z
N ASP A 5 19.34 7.63 -15.55
CA ASP A 5 18.40 7.64 -16.67
C ASP A 5 17.22 6.71 -16.40
N THR A 6 17.28 5.97 -15.29
CA THR A 6 16.28 4.92 -15.04
C THR A 6 15.76 4.81 -13.58
N LYS A 7 14.44 4.79 -13.43
CA LYS A 7 13.83 4.85 -12.10
C LYS A 7 13.07 3.59 -11.67
N ILE A 8 13.54 3.00 -10.58
CA ILE A 8 12.96 1.79 -10.07
C ILE A 8 12.26 2.06 -8.77
N ILE A 9 10.98 1.68 -8.71
CA ILE A 9 10.23 1.72 -7.47
C ILE A 9 10.26 0.34 -6.84
N TYR A 10 10.44 0.27 -5.53
CA TYR A 10 10.47 -1.03 -4.89
C TYR A 10 9.67 -1.09 -3.58
N HIS A 11 9.28 -2.31 -3.21
CA HIS A 11 8.39 -2.54 -2.08
C HIS A 11 9.08 -3.29 -0.96
N MET A 12 8.80 -2.90 0.27
CA MET A 12 9.32 -3.65 1.41
C MET A 12 8.13 -4.21 2.16
N ASP A 13 8.32 -5.39 2.71
CA ASP A 13 7.31 -6.10 3.47
C ASP A 13 6.84 -5.23 4.63
N GLU A 14 7.81 -4.61 5.28
CA GLU A 14 7.54 -3.83 6.47
C GLU A 14 7.56 -2.33 6.20
N GLU A 15 6.84 -1.90 5.18
CA GLU A 15 6.74 -0.47 4.89
C GLU A 15 5.38 -0.12 4.31
N GLU A 16 4.80 0.97 4.78
CA GLU A 16 3.45 1.34 4.38
C GLU A 16 3.50 1.67 2.91
N THR A 17 4.63 2.19 2.46
CA THR A 17 4.75 2.74 1.12
C THR A 17 5.99 2.26 0.39
N PRO A 18 5.90 2.22 -0.94
CA PRO A 18 7.02 1.82 -1.81
C PRO A 18 8.03 2.95 -1.94
N ASP A 19 9.30 2.61 -2.12
CA ASP A 19 10.33 3.62 -2.38
C ASP A 19 10.51 3.84 -3.86
N LEU A 20 11.10 4.97 -4.22
CA LEU A 20 11.33 5.28 -5.63
C LEU A 20 12.71 5.86 -5.71
N VAL A 21 13.56 5.25 -6.52
CA VAL A 21 14.94 5.68 -6.68
C VAL A 21 15.23 5.93 -8.15
N LYS A 22 16.20 6.80 -8.46
CA LYS A 22 16.71 6.91 -9.83
C LYS A 22 18.21 6.57 -9.92
N LEU A 23 18.53 5.75 -10.92
CA LEU A 23 19.91 5.40 -11.17
C LEU A 23 20.43 6.15 -12.39
N PRO A 24 21.71 6.56 -12.33
CA PRO A 24 22.45 7.20 -13.41
C PRO A 24 22.34 6.40 -14.73
N VAL A 25 22.63 5.10 -14.66
CA VAL A 25 22.63 4.21 -15.81
C VAL A 25 21.35 4.18 -16.64
N ALA A 26 21.44 3.68 -17.87
CA ALA A 26 20.33 3.76 -18.82
C ALA A 26 19.33 2.62 -18.58
N PRO A 27 18.10 2.77 -19.10
CA PRO A 27 17.08 1.73 -18.91
C PRO A 27 17.54 0.30 -19.29
N GLU A 28 18.36 0.18 -20.31
CA GLU A 28 19.00 -1.11 -20.60
C GLU A 28 20.31 -1.04 -19.88
N ARG A 29 21.09 -2.10 -19.91
CA ARG A 29 22.40 -2.05 -19.27
C ARG A 29 22.31 -1.89 -17.76
N VAL A 30 21.11 -1.59 -17.26
CA VAL A 30 20.87 -1.49 -15.82
C VAL A 30 20.71 -2.90 -15.24
N THR A 31 21.41 -3.16 -14.14
CA THR A 31 21.61 -4.53 -13.68
C THR A 31 21.42 -4.59 -12.18
N LEU A 32 21.18 -5.80 -11.68
CA LEU A 32 20.94 -5.98 -10.26
C LEU A 32 21.97 -5.25 -9.40
N ALA A 33 23.21 -5.16 -9.90
CA ALA A 33 24.33 -4.55 -9.14
C ALA A 33 24.11 -3.07 -8.97
N ASP A 34 23.78 -2.41 -10.07
CA ASP A 34 23.38 -1.03 -9.99
C ASP A 34 22.38 -0.89 -8.84
N PHE A 35 21.23 -1.53 -8.97
CA PHE A 35 20.19 -1.42 -7.96
C PHE A 35 20.77 -1.65 -6.57
N LYS A 36 21.50 -2.75 -6.41
CA LYS A 36 22.02 -3.08 -5.09
C LYS A 36 22.87 -1.97 -4.52
N ASN A 37 23.66 -1.31 -5.36
CA ASN A 37 24.67 -0.43 -4.81
C ASN A 37 24.00 0.82 -4.24
N VAL A 38 22.87 1.19 -4.83
CA VAL A 38 21.99 2.23 -4.31
C VAL A 38 21.27 1.88 -2.99
N LEU A 39 21.48 0.68 -2.46
CA LEU A 39 20.87 0.30 -1.20
C LEU A 39 21.93 0.03 -0.15
N SER A 40 22.85 0.97 0.02
CA SER A 40 23.97 0.77 0.96
C SER A 40 23.52 0.63 2.43
N ASN A 41 22.41 1.25 2.77
CA ASN A 41 21.87 1.21 4.13
C ASN A 41 21.16 -0.10 4.48
N ARG A 42 20.97 -0.95 3.48
CA ARG A 42 20.27 -2.21 3.67
C ARG A 42 21.22 -3.40 3.63
N PRO A 43 20.88 -4.47 4.36
CA PRO A 43 21.65 -5.72 4.39
C PRO A 43 21.41 -6.57 3.13
N VAL A 44 21.69 -5.99 1.97
CA VAL A 44 21.48 -6.62 0.66
C VAL A 44 21.55 -8.17 0.54
N HIS A 45 22.52 -8.80 1.19
CA HIS A 45 22.71 -10.24 1.04
C HIS A 45 21.55 -11.09 1.62
N ALA A 46 20.69 -10.49 2.43
CA ALA A 46 19.60 -11.22 3.07
C ALA A 46 18.29 -11.22 2.27
N TYR A 47 18.33 -10.63 1.09
CA TYR A 47 17.13 -10.40 0.32
C TYR A 47 17.09 -11.18 -1.00
N LYS A 48 15.91 -11.29 -1.60
CA LYS A 48 15.77 -12.06 -2.83
C LYS A 48 15.53 -11.24 -4.11
N PHE A 49 14.69 -10.21 -4.07
CA PHE A 49 14.59 -9.34 -5.26
C PHE A 49 13.77 -9.93 -6.37
N PHE A 50 12.50 -9.57 -6.42
CA PHE A 50 11.69 -9.97 -7.54
C PHE A 50 11.38 -8.74 -8.33
N PHE A 51 11.14 -8.92 -9.63
CA PHE A 51 10.84 -7.80 -10.52
C PHE A 51 9.65 -8.11 -11.39
N LYS A 52 8.68 -7.20 -11.42
CA LYS A 52 7.56 -7.36 -12.30
C LYS A 52 8.08 -7.38 -13.73
N SER A 53 7.74 -8.42 -14.47
CA SER A 53 8.05 -8.47 -15.90
C SER A 53 6.95 -9.13 -16.69
N MET A 54 7.01 -8.94 -18.00
CA MET A 54 6.07 -9.53 -18.94
C MET A 54 6.63 -10.80 -19.61
N ASP A 55 6.13 -11.96 -19.21
CA ASP A 55 6.51 -13.20 -19.86
C ASP A 55 5.59 -13.52 -21.02
N GLN A 56 6.18 -13.74 -22.20
CA GLN A 56 5.42 -13.83 -23.45
C GLN A 56 4.40 -14.95 -23.47
N ASP A 57 4.51 -15.85 -22.51
CA ASP A 57 3.61 -16.99 -22.48
C ASP A 57 2.57 -16.86 -21.39
N PHE A 58 2.94 -16.30 -20.25
CA PHE A 58 1.98 -16.21 -19.15
C PHE A 58 1.59 -14.80 -18.77
N GLY A 59 2.18 -13.83 -19.45
CA GLY A 59 1.85 -12.43 -19.20
C GLY A 59 2.56 -11.94 -17.97
N VAL A 60 1.85 -11.18 -17.13
CA VAL A 60 2.46 -10.49 -16.01
C VAL A 60 2.94 -11.47 -14.96
N VAL A 61 4.18 -11.33 -14.51
CA VAL A 61 4.75 -12.23 -13.51
C VAL A 61 5.75 -11.50 -12.64
N LYS A 62 6.10 -12.09 -11.49
CA LYS A 62 7.16 -11.56 -10.63
C LYS A 62 8.43 -12.40 -10.79
N GLU A 63 9.35 -11.95 -11.65
CA GLU A 63 10.55 -12.72 -11.97
C GLU A 63 11.60 -12.55 -10.90
N GLU A 64 12.11 -13.64 -10.34
CA GLU A 64 13.22 -13.51 -9.40
C GLU A 64 14.52 -13.43 -10.16
N ILE A 65 15.44 -12.60 -9.66
CA ILE A 65 16.74 -12.42 -10.30
C ILE A 65 17.83 -12.43 -9.25
N PHE A 66 18.87 -13.24 -9.45
CA PHE A 66 19.91 -13.41 -8.43
C PHE A 66 21.36 -13.08 -8.82
N ASP A 67 21.61 -12.85 -10.11
CA ASP A 67 22.96 -12.58 -10.59
C ASP A 67 23.20 -11.09 -10.73
N ASP A 68 24.16 -10.58 -9.96
CA ASP A 68 24.49 -9.16 -10.01
C ASP A 68 24.57 -8.60 -11.42
N ASN A 69 24.96 -9.43 -12.40
CA ASN A 69 25.13 -8.90 -13.75
C ASN A 69 23.93 -9.10 -14.66
N ALA A 70 22.79 -9.45 -14.05
CA ALA A 70 21.53 -9.65 -14.78
C ALA A 70 20.78 -8.35 -15.07
N LYS A 71 20.41 -8.11 -16.32
CA LYS A 71 19.62 -6.92 -16.61
C LYS A 71 18.29 -7.02 -15.86
N LEU A 72 17.72 -5.87 -15.52
CA LEU A 72 16.46 -5.83 -14.77
C LEU A 72 15.27 -5.70 -15.71
N PRO A 73 14.22 -6.49 -15.46
CA PRO A 73 12.99 -6.44 -16.26
C PRO A 73 12.37 -5.08 -16.17
N CYS A 74 11.91 -4.59 -17.30
CA CYS A 74 11.25 -3.30 -17.37
C CYS A 74 9.82 -3.55 -17.80
N PHE A 75 8.88 -3.11 -16.98
CA PHE A 75 7.46 -3.22 -17.30
C PHE A 75 6.94 -1.88 -17.75
N ASN A 76 6.82 -1.69 -19.07
CA ASN A 76 6.39 -0.41 -19.63
C ASN A 76 7.31 0.76 -19.26
N GLY A 77 8.61 0.62 -19.49
CA GLY A 77 9.55 1.70 -19.23
C GLY A 77 9.89 1.90 -17.76
N ARG A 78 9.26 1.09 -16.91
CA ARG A 78 9.39 1.21 -15.46
C ARG A 78 9.86 -0.10 -14.78
N VAL A 79 10.85 -0.01 -13.91
CA VAL A 79 11.29 -1.17 -13.16
C VAL A 79 10.57 -1.21 -11.83
N VAL A 80 9.87 -2.31 -11.54
CA VAL A 80 9.08 -2.46 -10.30
C VAL A 80 9.49 -3.69 -9.54
N SER A 81 9.85 -3.55 -8.26
CA SER A 81 10.52 -4.64 -7.54
C SER A 81 9.98 -4.93 -6.14
N TRP A 82 10.30 -6.11 -5.62
CA TRP A 82 9.90 -6.52 -4.30
C TRP A 82 11.08 -7.15 -3.62
N LEU A 83 11.45 -6.67 -2.44
CA LEU A 83 12.53 -7.27 -1.69
C LEU A 83 11.98 -8.23 -0.65
N VAL A 84 12.63 -9.37 -0.51
CA VAL A 84 12.18 -10.39 0.43
C VAL A 84 13.37 -11.08 1.11
N LEU A 85 13.23 -11.39 2.39
CA LEU A 85 14.31 -12.08 3.09
C LEU A 85 14.39 -13.57 2.73
N ALA A 86 15.58 -14.16 2.83
CA ALA A 86 15.72 -15.61 2.65
C ALA A 86 15.11 -16.44 3.81
N PRO B 2 25.95 -18.41 -24.72
CA PRO B 2 24.66 -19.10 -24.80
C PRO B 2 24.58 -20.22 -23.78
N HIS B 3 23.47 -20.27 -23.05
CA HIS B 3 23.32 -21.21 -21.96
C HIS B 3 22.07 -22.05 -22.10
N MET B 4 22.08 -23.21 -21.45
CA MET B 4 20.89 -24.02 -21.40
C MET B 4 20.23 -23.70 -20.07
N ASP B 5 19.06 -23.07 -20.10
CA ASP B 5 18.36 -22.88 -18.83
C ASP B 5 16.88 -23.22 -18.86
N THR B 6 16.36 -23.46 -17.68
CA THR B 6 14.98 -23.88 -17.55
C THR B 6 14.17 -22.84 -16.78
N LYS B 7 13.13 -22.29 -17.41
CA LYS B 7 12.30 -21.32 -16.70
C LYS B 7 11.10 -21.94 -16.04
N ILE B 8 11.03 -21.80 -14.73
CA ILE B 8 9.91 -22.32 -13.97
C ILE B 8 8.95 -21.19 -13.59
N ILE B 9 7.73 -21.26 -14.08
CA ILE B 9 6.71 -20.31 -13.64
C ILE B 9 5.84 -21.07 -12.65
N TYR B 10 5.63 -20.52 -11.46
CA TYR B 10 4.87 -21.25 -10.44
C TYR B 10 3.77 -20.42 -9.75
N HIS B 11 2.70 -21.09 -9.33
CA HIS B 11 1.55 -20.43 -8.70
C HIS B 11 1.43 -20.75 -7.22
N MET B 12 0.89 -19.79 -6.47
CA MET B 12 0.70 -19.98 -5.04
C MET B 12 -0.59 -19.35 -4.62
N ASP B 13 -1.15 -19.84 -3.51
CA ASP B 13 -2.46 -19.41 -3.03
C ASP B 13 -3.29 -18.61 -4.04
N GLU B 15 -1.08 -15.67 -4.67
CA GLU B 15 -0.76 -14.27 -4.91
C GLU B 15 -1.42 -13.81 -6.21
N GLU B 16 -1.54 -12.50 -6.36
CA GLU B 16 -2.14 -11.91 -7.54
C GLU B 16 -1.55 -12.56 -8.78
N THR B 17 -0.22 -12.45 -8.91
CA THR B 17 0.49 -12.92 -10.09
C THR B 17 1.48 -14.04 -9.77
N PRO B 18 1.67 -14.95 -10.73
CA PRO B 18 2.58 -16.07 -10.58
C PRO B 18 4.03 -15.61 -10.52
N ASP B 19 4.88 -16.41 -9.89
CA ASP B 19 6.31 -16.14 -9.82
C ASP B 19 7.05 -16.84 -10.97
N LEU B 20 8.21 -16.31 -11.34
CA LEU B 20 9.04 -16.93 -12.35
C LEU B 20 10.53 -16.93 -11.98
N VAL B 21 11.18 -18.08 -12.14
CA VAL B 21 12.60 -18.22 -11.87
C VAL B 21 13.24 -18.86 -13.09
N LYS B 22 14.46 -18.47 -13.40
CA LYS B 22 15.20 -19.13 -14.47
C LYS B 22 16.34 -19.93 -13.88
N LEU B 23 16.18 -21.24 -13.78
CA LEU B 23 17.28 -22.08 -13.31
C LEU B 23 18.37 -22.26 -14.38
N PRO B 24 19.62 -22.22 -13.95
CA PRO B 24 20.79 -22.43 -14.83
C PRO B 24 21.07 -23.91 -14.95
N VAL B 25 19.99 -24.70 -15.02
CA VAL B 25 20.09 -26.12 -15.27
C VAL B 25 19.40 -26.35 -16.60
N ALA B 26 19.76 -27.42 -17.31
CA ALA B 26 19.10 -27.64 -18.59
C ALA B 26 17.77 -28.33 -18.29
N PRO B 27 16.77 -28.13 -19.17
CA PRO B 27 15.47 -28.75 -18.85
C PRO B 27 15.59 -30.25 -18.60
N GLU B 28 16.27 -30.97 -19.50
CA GLU B 28 16.43 -32.41 -19.33
C GLU B 28 17.07 -32.80 -18.00
N ARG B 29 17.57 -31.84 -17.24
CA ARG B 29 18.30 -32.17 -16.02
C ARG B 29 17.74 -31.58 -14.73
N VAL B 30 16.69 -30.77 -14.81
CA VAL B 30 16.14 -30.15 -13.59
C VAL B 30 15.46 -31.15 -12.70
N THR B 31 15.63 -30.97 -11.40
CA THR B 31 15.02 -31.86 -10.43
C THR B 31 14.26 -31.06 -9.40
N LEU B 32 13.21 -31.65 -8.87
CA LEU B 32 12.48 -31.05 -7.77
C LEU B 32 13.44 -30.36 -6.79
N ALA B 33 14.62 -30.95 -6.59
CA ALA B 33 15.59 -30.41 -5.66
C ALA B 33 16.07 -29.03 -6.11
N ASP B 34 16.46 -28.93 -7.38
CA ASP B 34 16.88 -27.64 -7.95
C ASP B 34 15.87 -26.58 -7.63
N PHE B 35 14.63 -26.84 -8.03
CA PHE B 35 13.52 -25.96 -7.75
C PHE B 35 13.43 -25.61 -6.26
N LYS B 36 13.43 -26.62 -5.40
CA LYS B 36 13.32 -26.35 -3.97
C LYS B 36 14.44 -25.44 -3.45
N ASN B 37 15.61 -25.49 -4.07
CA ASN B 37 16.75 -24.69 -3.62
C ASN B 37 16.53 -23.22 -3.85
N VAL B 38 15.49 -22.92 -4.62
CA VAL B 38 15.21 -21.55 -5.00
C VAL B 38 14.07 -20.97 -4.16
N LEU B 39 13.48 -21.81 -3.33
CA LEU B 39 12.37 -21.41 -2.48
C LEU B 39 12.83 -21.23 -1.05
N SER B 40 14.03 -20.72 -0.86
CA SER B 40 14.59 -20.54 0.49
C SER B 40 13.57 -19.90 1.44
N ASN B 41 12.87 -18.89 0.93
CA ASN B 41 12.01 -18.05 1.75
C ASN B 41 10.65 -18.67 2.09
N ARG B 42 10.48 -19.96 1.83
CA ARG B 42 9.24 -20.63 2.19
C ARG B 42 9.39 -22.04 2.77
N PRO B 43 8.35 -22.52 3.46
CA PRO B 43 8.33 -23.81 4.17
C PRO B 43 8.14 -24.97 3.20
N VAL B 44 9.13 -25.18 2.34
CA VAL B 44 9.12 -26.29 1.40
C VAL B 44 8.34 -27.52 1.88
N HIS B 45 8.61 -27.96 3.10
CA HIS B 45 8.04 -29.21 3.58
C HIS B 45 6.53 -29.13 3.63
N ALA B 46 6.00 -27.94 3.85
CA ALA B 46 4.56 -27.75 4.03
C ALA B 46 3.76 -27.78 2.73
N TYR B 47 4.40 -28.16 1.62
CA TYR B 47 3.78 -28.04 0.31
C TYR B 47 3.80 -29.33 -0.52
N LYS B 48 2.82 -29.46 -1.40
CA LYS B 48 2.84 -30.48 -2.44
C LYS B 48 3.19 -29.79 -3.74
N PHE B 49 4.01 -30.43 -4.55
CA PHE B 49 4.41 -29.84 -5.81
C PHE B 49 3.73 -30.50 -7.00
N PHE B 50 2.99 -29.70 -7.75
CA PHE B 50 2.34 -30.19 -8.94
C PHE B 50 2.92 -29.59 -10.19
N PHE B 51 3.11 -30.42 -11.20
CA PHE B 51 3.69 -29.95 -12.45
C PHE B 51 2.85 -30.29 -13.65
N LYS B 52 2.43 -29.26 -14.37
CA LYS B 52 1.88 -29.47 -15.70
C LYS B 52 2.75 -30.45 -16.47
N SER B 53 2.11 -31.41 -17.13
CA SER B 53 2.80 -32.39 -17.98
C SER B 53 1.85 -33.09 -18.94
N MET B 54 2.35 -33.46 -20.10
CA MET B 54 1.53 -34.15 -21.07
C MET B 54 1.46 -35.64 -20.75
N ASP B 55 0.36 -36.27 -21.12
CA ASP B 55 0.26 -37.71 -20.90
C ASP B 55 -0.75 -38.41 -21.76
N GLN B 56 -0.53 -38.49 -23.08
CA GLN B 56 -1.29 -39.47 -23.84
C GLN B 56 -1.18 -40.63 -22.90
N ASP B 57 -2.30 -41.29 -22.57
CA ASP B 57 -3.55 -41.21 -23.30
C ASP B 57 -4.52 -40.11 -22.87
N PHE B 58 -4.14 -39.33 -21.87
CA PHE B 58 -4.90 -38.13 -21.53
C PHE B 58 -4.13 -36.90 -21.97
N GLY B 59 -4.73 -35.73 -21.85
CA GLY B 59 -4.04 -34.55 -22.33
C GLY B 59 -3.09 -33.95 -21.31
N VAL B 60 -3.26 -32.65 -21.11
CA VAL B 60 -2.58 -31.92 -20.07
C VAL B 60 -2.96 -32.53 -18.75
N VAL B 61 -2.09 -32.39 -17.77
CA VAL B 61 -2.31 -33.05 -16.51
C VAL B 61 -1.45 -32.41 -15.43
N LYS B 62 -1.84 -32.52 -14.17
CA LYS B 62 -1.01 -32.00 -13.12
C LYS B 62 -0.29 -33.11 -12.36
N GLU B 63 0.89 -33.49 -12.83
CA GLU B 63 1.67 -34.54 -12.21
C GLU B 63 2.25 -34.09 -10.88
N GLU B 64 1.93 -34.80 -9.82
CA GLU B 64 2.54 -34.48 -8.54
C GLU B 64 3.87 -35.19 -8.40
N ILE B 65 4.83 -34.48 -7.83
CA ILE B 65 6.14 -35.04 -7.58
C ILE B 65 6.57 -34.76 -6.15
N PHE B 66 7.19 -35.76 -5.52
CA PHE B 66 7.62 -35.65 -4.13
C PHE B 66 9.09 -36.04 -3.95
N ASP B 67 9.63 -36.76 -4.92
CA ASP B 67 11.01 -37.22 -4.86
C ASP B 67 12.00 -36.18 -5.36
N ASP B 68 12.82 -35.64 -4.45
CA ASP B 68 13.80 -34.60 -4.79
C ASP B 68 14.67 -34.94 -5.99
N ASN B 69 14.73 -36.22 -6.35
CA ASN B 69 15.59 -36.62 -7.45
C ASN B 69 14.93 -36.63 -8.81
N ALA B 70 13.61 -36.52 -8.84
CA ALA B 70 12.87 -36.64 -10.09
C ALA B 70 13.12 -35.49 -11.06
N LYS B 71 13.26 -35.79 -12.34
CA LYS B 71 13.23 -34.75 -13.34
C LYS B 71 11.89 -34.05 -13.22
N LEU B 72 11.81 -32.80 -13.65
CA LEU B 72 10.55 -32.09 -13.64
C LEU B 72 9.91 -32.10 -15.02
N PRO B 73 8.60 -32.27 -15.07
CA PRO B 73 7.85 -32.30 -16.32
C PRO B 73 7.95 -30.97 -17.03
N CYS B 74 8.59 -30.96 -18.18
CA CYS B 74 8.78 -29.74 -18.95
C CYS B 74 7.88 -29.65 -20.14
N PHE B 75 6.65 -29.21 -19.91
CA PHE B 75 5.68 -28.96 -20.96
C PHE B 75 6.17 -27.90 -21.95
N ASN B 76 6.86 -28.36 -23.01
CA ASN B 76 7.28 -27.48 -24.11
C ASN B 76 8.47 -26.55 -23.83
N GLY B 77 9.50 -27.06 -23.17
CA GLY B 77 10.69 -26.26 -22.91
C GLY B 77 10.61 -25.44 -21.63
N ARG B 78 9.40 -25.22 -21.12
CA ARG B 78 9.20 -24.47 -19.88
C ARG B 78 8.52 -25.37 -18.88
N VAL B 79 8.44 -24.93 -17.62
CA VAL B 79 7.85 -25.73 -16.55
C VAL B 79 6.78 -24.90 -15.88
N VAL B 80 5.67 -25.54 -15.50
CA VAL B 80 4.63 -24.82 -14.78
C VAL B 80 4.27 -25.58 -13.54
N SER B 81 4.28 -24.92 -12.40
CA SER B 81 4.02 -25.62 -11.16
C SER B 81 2.97 -24.95 -10.28
N TRP B 82 2.32 -25.75 -9.44
CA TRP B 82 1.36 -25.25 -8.46
C TRP B 82 1.79 -25.76 -7.11
N LEU B 83 1.93 -24.86 -6.15
CA LEU B 83 2.29 -25.29 -4.80
C LEU B 83 1.05 -25.29 -3.92
N VAL B 84 0.64 -26.47 -3.48
CA VAL B 84 -0.54 -26.57 -2.64
C VAL B 84 -0.20 -26.95 -1.22
N LEU B 85 -0.70 -26.18 -0.26
CA LEU B 85 -0.57 -26.53 1.15
C LEU B 85 -1.08 -27.94 1.47
N ALA B 86 -0.18 -28.84 1.83
CA ALA B 86 -0.62 -30.12 2.40
C ALA B 86 -1.23 -29.84 3.77
N GLU B 87 -2.43 -30.39 4.02
CA GLU B 87 -3.26 -29.96 5.15
C GLU B 87 -2.82 -28.65 5.78
N ASP C 5 -3.49 -20.95 -42.85
CA ASP C 5 -2.55 -21.64 -41.98
C ASP C 5 -2.79 -21.26 -40.51
N THR C 6 -4.06 -21.16 -40.14
CA THR C 6 -4.42 -20.76 -38.77
C THR C 6 -5.18 -21.84 -38.02
N LYS C 7 -4.52 -22.49 -37.07
CA LYS C 7 -5.23 -23.44 -36.23
C LYS C 7 -5.87 -22.71 -35.03
N ILE C 8 -7.19 -22.65 -35.04
CA ILE C 8 -7.94 -22.08 -33.92
C ILE C 8 -8.50 -23.19 -33.03
N ILE C 9 -8.10 -23.24 -31.76
CA ILE C 9 -8.77 -24.12 -30.81
C ILE C 9 -9.75 -23.33 -29.93
N TYR C 10 -10.91 -23.90 -29.63
CA TYR C 10 -11.93 -23.17 -28.89
C TYR C 10 -12.79 -24.03 -27.96
N HIS C 11 -13.25 -23.44 -26.86
CA HIS C 11 -14.06 -24.17 -25.89
C HIS C 11 -15.53 -23.81 -26.00
N MET C 12 -16.39 -24.67 -25.45
CA MET C 12 -17.83 -24.45 -25.48
C MET C 12 -18.46 -24.75 -24.14
N ASP C 13 -19.79 -24.64 -24.07
CA ASP C 13 -20.52 -24.90 -22.84
C ASP C 13 -19.57 -25.12 -21.67
N GLU C 15 -18.41 -27.78 -23.34
CA GLU C 15 -18.19 -29.20 -23.62
C GLU C 15 -17.16 -29.79 -22.65
N GLU C 16 -16.75 -31.02 -22.92
CA GLU C 16 -15.76 -31.70 -22.10
C GLU C 16 -14.36 -31.59 -22.69
N THR C 17 -14.29 -31.52 -24.01
CA THR C 17 -13.00 -31.41 -24.69
C THR C 17 -13.01 -30.28 -25.71
N PRO C 18 -11.89 -29.56 -25.81
CA PRO C 18 -11.76 -28.45 -26.75
C PRO C 18 -11.84 -28.93 -28.19
N ASP C 19 -12.34 -28.07 -29.08
CA ASP C 19 -12.35 -28.38 -30.50
C ASP C 19 -11.20 -27.63 -31.18
N LEU C 20 -10.65 -28.23 -32.23
CA LEU C 20 -9.59 -27.60 -33.02
C LEU C 20 -9.96 -27.58 -34.48
N VAL C 21 -9.78 -26.45 -35.12
CA VAL C 21 -10.07 -26.32 -36.53
C VAL C 21 -8.94 -25.57 -37.17
N LYS C 22 -8.48 -26.05 -38.32
CA LYS C 22 -7.55 -25.26 -39.13
C LYS C 22 -8.31 -24.48 -40.21
N LEU C 23 -7.99 -23.20 -40.35
CA LEU C 23 -8.59 -22.36 -41.38
C LEU C 23 -7.60 -22.20 -42.54
N PRO C 24 -8.13 -21.96 -43.77
CA PRO C 24 -7.29 -21.69 -44.95
C PRO C 24 -6.45 -20.43 -44.77
N VAL C 25 -7.12 -19.35 -44.34
CA VAL C 25 -6.55 -18.02 -44.23
C VAL C 25 -5.28 -17.93 -43.37
N ALA C 26 -4.40 -16.98 -43.70
CA ALA C 26 -3.19 -16.76 -42.91
C ALA C 26 -3.56 -16.24 -41.52
N PRO C 27 -2.63 -16.37 -40.56
CA PRO C 27 -2.85 -15.93 -39.17
C PRO C 27 -3.36 -14.48 -39.09
N GLU C 28 -2.90 -13.64 -39.99
CA GLU C 28 -3.49 -12.32 -40.17
C GLU C 28 -4.68 -12.45 -41.12
N ARG C 29 -5.57 -11.46 -41.11
CA ARG C 29 -6.75 -11.51 -41.98
C ARG C 29 -7.80 -12.54 -41.51
N VAL C 30 -7.43 -13.36 -40.53
CA VAL C 30 -8.44 -14.16 -39.83
C VAL C 30 -9.39 -13.15 -39.20
N THR C 31 -10.68 -13.45 -39.21
CA THR C 31 -11.63 -12.51 -38.65
C THR C 31 -12.78 -13.26 -38.02
N LEU C 32 -13.44 -12.62 -37.08
CA LEU C 32 -14.56 -13.24 -36.38
C LEU C 32 -15.50 -13.94 -37.34
N ALA C 33 -15.49 -13.53 -38.61
CA ALA C 33 -16.42 -14.08 -39.59
C ALA C 33 -15.99 -15.47 -40.10
N ASP C 34 -14.75 -15.57 -40.59
CA ASP C 34 -14.23 -16.83 -41.10
C ASP C 34 -14.54 -17.93 -40.09
N PHE C 35 -14.24 -17.62 -38.84
CA PHE C 35 -14.52 -18.50 -37.74
C PHE C 35 -16.03 -18.72 -37.65
N LYS C 36 -16.78 -17.64 -37.55
CA LYS C 36 -18.23 -17.71 -37.40
C LYS C 36 -18.84 -18.79 -38.29
N ASN C 37 -18.64 -18.68 -39.60
CA ASN C 37 -19.37 -19.54 -40.53
C ASN C 37 -18.91 -20.99 -40.58
N VAL C 38 -17.66 -21.24 -40.16
CA VAL C 38 -17.16 -22.59 -40.13
C VAL C 38 -17.74 -23.36 -38.94
N LEU C 39 -18.72 -22.75 -38.27
CA LEU C 39 -19.51 -23.44 -37.26
C LEU C 39 -20.95 -23.56 -37.74
N SER C 40 -21.12 -24.06 -38.96
CA SER C 40 -22.43 -24.26 -39.57
C SER C 40 -23.42 -24.82 -38.55
N ASN C 41 -23.01 -25.87 -37.86
CA ASN C 41 -23.89 -26.63 -36.98
C ASN C 41 -24.31 -25.92 -35.70
N ARG C 42 -23.83 -24.70 -35.48
CA ARG C 42 -24.09 -24.03 -34.20
C ARG C 42 -24.88 -22.72 -34.28
N PRO C 43 -25.69 -22.44 -33.23
CA PRO C 43 -26.53 -21.25 -33.06
C PRO C 43 -25.70 -19.99 -32.86
N VAL C 44 -24.93 -19.59 -33.87
CA VAL C 44 -23.92 -18.56 -33.69
C VAL C 44 -24.40 -17.33 -32.91
N HIS C 45 -25.36 -16.60 -33.46
CA HIS C 45 -25.75 -15.29 -32.92
C HIS C 45 -26.23 -15.38 -31.46
N ALA C 46 -26.20 -16.59 -30.90
CA ALA C 46 -26.54 -16.78 -29.51
C ALA C 46 -25.28 -16.89 -28.67
N TYR C 47 -24.16 -16.41 -29.21
CA TYR C 47 -22.87 -16.67 -28.59
C TYR C 47 -21.93 -15.48 -28.49
N LYS C 48 -21.50 -15.18 -27.27
CA LYS C 48 -20.40 -14.24 -27.02
C LYS C 48 -19.11 -14.92 -27.51
N PHE C 49 -18.12 -14.14 -27.91
CA PHE C 49 -16.89 -14.72 -28.42
C PHE C 49 -15.66 -14.11 -27.79
N PHE C 50 -14.95 -14.89 -26.99
CA PHE C 50 -13.77 -14.36 -26.34
C PHE C 50 -12.54 -14.96 -26.95
N PHE C 51 -11.42 -14.25 -26.83
CA PHE C 51 -10.19 -14.67 -27.44
C PHE C 51 -8.98 -14.36 -26.58
N LYS C 52 -8.19 -15.39 -26.32
CA LYS C 52 -7.01 -15.21 -25.53
C LYS C 52 -6.11 -14.24 -26.27
N SER C 53 -5.87 -13.09 -25.66
CA SER C 53 -4.93 -12.10 -26.22
C SER C 53 -4.07 -11.46 -25.15
N MET C 54 -2.96 -10.89 -25.60
CA MET C 54 -1.97 -10.28 -24.72
C MET C 54 -2.14 -8.76 -24.64
N ASP C 55 -2.53 -8.26 -23.47
CA ASP C 55 -2.67 -6.83 -23.24
C ASP C 55 -1.36 -6.19 -22.80
N GLN C 56 -1.02 -5.07 -23.41
CA GLN C 56 0.28 -4.45 -23.15
C GLN C 56 0.52 -4.16 -21.67
N ASP C 57 -0.55 -4.02 -20.89
CA ASP C 57 -0.40 -3.57 -19.52
C ASP C 57 -0.80 -4.66 -18.51
N PHE C 58 -1.68 -5.56 -18.90
CA PHE C 58 -2.15 -6.57 -17.97
C PHE C 58 -1.81 -8.00 -18.38
N GLY C 59 -1.26 -8.17 -19.58
CA GLY C 59 -0.86 -9.49 -20.04
C GLY C 59 -2.02 -10.34 -20.53
N VAL C 60 -1.95 -11.63 -20.26
CA VAL C 60 -2.98 -12.54 -20.76
C VAL C 60 -4.36 -12.11 -20.31
N VAL C 61 -5.19 -11.72 -21.26
CA VAL C 61 -6.58 -11.44 -20.96
C VAL C 61 -7.47 -12.13 -21.98
N LYS C 62 -8.75 -12.23 -21.68
CA LYS C 62 -9.71 -12.84 -22.58
C LYS C 62 -10.57 -11.78 -23.27
N GLU C 63 -10.10 -11.30 -24.42
CA GLU C 63 -10.79 -10.22 -25.13
C GLU C 63 -12.06 -10.66 -25.86
N GLU C 64 -13.19 -10.03 -25.54
CA GLU C 64 -14.41 -10.23 -26.33
C GLU C 64 -14.33 -9.47 -27.65
N ILE C 65 -14.94 -10.04 -28.68
CA ILE C 65 -14.86 -9.50 -30.03
C ILE C 65 -16.16 -9.81 -30.75
N PHE C 66 -16.79 -8.79 -31.32
CA PHE C 66 -18.12 -8.98 -31.91
C PHE C 66 -18.19 -8.50 -33.36
N ASP C 67 -17.45 -7.45 -33.67
CA ASP C 67 -17.39 -6.96 -35.05
C ASP C 67 -17.00 -8.12 -35.96
N ASP C 68 -17.98 -8.60 -36.73
CA ASP C 68 -17.77 -9.73 -37.65
C ASP C 68 -16.51 -9.56 -38.50
N ASN C 69 -15.99 -8.35 -38.53
CA ASN C 69 -14.81 -8.04 -39.33
C ASN C 69 -13.52 -8.04 -38.53
N ALA C 70 -13.67 -8.06 -37.21
CA ALA C 70 -12.52 -7.94 -36.32
C ALA C 70 -11.47 -9.00 -36.62
N LYS C 71 -10.24 -8.56 -36.89
CA LYS C 71 -9.14 -9.51 -36.97
C LYS C 71 -8.99 -10.20 -35.62
N LEU C 72 -8.40 -11.39 -35.63
CA LEU C 72 -8.36 -12.23 -34.44
C LEU C 72 -7.00 -12.31 -33.78
N PRO C 73 -6.97 -12.23 -32.45
CA PRO C 73 -5.80 -12.17 -31.56
C PRO C 73 -5.10 -13.52 -31.45
N CYS C 74 -4.10 -13.74 -32.29
CA CYS C 74 -3.40 -15.03 -32.26
C CYS C 74 -2.27 -15.04 -31.24
N PHE C 75 -2.49 -15.79 -30.16
CA PHE C 75 -1.52 -15.94 -29.08
C PHE C 75 -0.33 -16.82 -29.50
N ASN C 76 0.74 -16.18 -29.95
CA ASN C 76 1.92 -16.92 -30.39
C ASN C 76 1.57 -17.83 -31.57
N GLY C 77 0.90 -17.27 -32.57
CA GLY C 77 0.57 -18.03 -33.76
C GLY C 77 -0.44 -19.14 -33.53
N ARG C 78 -1.52 -18.81 -32.83
CA ARG C 78 -2.54 -19.77 -32.44
C ARG C 78 -3.72 -19.07 -31.81
N VAL C 79 -4.91 -19.32 -32.33
CA VAL C 79 -6.07 -18.62 -31.81
C VAL C 79 -6.80 -19.49 -30.81
N VAL C 80 -6.84 -19.03 -29.56
CA VAL C 80 -7.58 -19.74 -28.52
C VAL C 80 -8.85 -18.97 -28.24
N SER C 81 -9.94 -19.68 -27.98
CA SER C 81 -11.21 -18.99 -27.88
C SER C 81 -12.18 -19.70 -26.96
N TRP C 82 -13.19 -18.96 -26.52
CA TRP C 82 -14.26 -19.50 -25.70
C TRP C 82 -15.57 -19.01 -26.25
N LEU C 83 -16.59 -19.85 -26.19
CA LEU C 83 -17.92 -19.45 -26.60
C LEU C 83 -18.89 -19.57 -25.44
N VAL C 84 -19.67 -18.52 -25.25
CA VAL C 84 -20.72 -18.47 -24.23
C VAL C 84 -21.87 -17.66 -24.76
N LEU C 85 -22.90 -17.43 -23.95
CA LEU C 85 -24.16 -16.94 -24.51
C LEU C 85 -24.85 -15.75 -23.82
N ALA C 86 -26.01 -15.38 -24.36
CA ALA C 86 -26.82 -14.33 -23.79
C ALA C 86 -27.95 -14.94 -22.93
N MET D 4 -12.41 6.18 -31.06
CA MET D 4 -13.81 6.56 -30.95
C MET D 4 -14.49 5.82 -29.80
N ASP D 5 -13.78 4.87 -29.20
CA ASP D 5 -14.36 4.05 -28.13
C ASP D 5 -13.50 3.89 -26.86
N THR D 6 -13.87 2.93 -26.01
CA THR D 6 -13.28 2.84 -24.69
C THR D 6 -13.13 1.39 -24.19
N LYS D 7 -11.90 0.99 -23.88
CA LYS D 7 -11.64 -0.40 -23.48
C LYS D 7 -11.56 -0.58 -21.98
N ILE D 8 -12.54 -1.30 -21.44
CA ILE D 8 -12.55 -1.59 -20.02
C ILE D 8 -12.16 -3.04 -19.74
N ILE D 9 -11.34 -3.24 -18.71
CA ILE D 9 -10.82 -4.54 -18.36
C ILE D 9 -11.16 -4.91 -16.92
N TYR D 10 -11.91 -5.98 -16.74
CA TYR D 10 -12.46 -6.29 -15.43
C TYR D 10 -12.11 -7.68 -14.90
N HIS D 11 -11.76 -7.74 -13.62
CA HIS D 11 -11.37 -9.00 -12.99
C HIS D 11 -12.57 -9.68 -12.32
N MET D 12 -12.43 -10.98 -12.13
CA MET D 12 -13.48 -11.81 -11.53
C MET D 12 -12.91 -12.79 -10.50
N ASP D 13 -13.62 -12.94 -9.39
CA ASP D 13 -13.39 -14.06 -8.50
C ASP D 13 -14.50 -15.06 -8.78
N GLU D 14 -14.13 -16.16 -9.43
CA GLU D 14 -12.74 -16.34 -9.84
C GLU D 14 -12.57 -16.86 -11.27
N GLU D 15 -11.52 -16.35 -11.92
CA GLU D 15 -11.13 -16.80 -13.25
C GLU D 15 -9.61 -16.74 -13.34
N GLU D 16 -9.02 -17.62 -14.12
CA GLU D 16 -7.57 -17.61 -14.31
C GLU D 16 -7.12 -16.22 -14.77
N THR D 17 -7.86 -15.64 -15.71
CA THR D 17 -7.43 -14.39 -16.34
C THR D 17 -8.51 -13.33 -16.27
N PRO D 18 -8.11 -12.06 -16.33
CA PRO D 18 -9.05 -10.93 -16.37
C PRO D 18 -9.81 -10.91 -17.68
N ASP D 19 -10.75 -9.99 -17.84
CA ASP D 19 -11.46 -9.86 -19.12
C ASP D 19 -11.25 -8.49 -19.78
N LEU D 20 -11.35 -8.46 -21.11
CA LEU D 20 -11.26 -7.23 -21.88
C LEU D 20 -12.55 -7.04 -22.67
N VAL D 21 -12.91 -5.78 -22.91
CA VAL D 21 -14.12 -5.47 -23.64
C VAL D 21 -13.95 -4.10 -24.25
N LYS D 22 -14.39 -3.94 -25.49
CA LYS D 22 -14.32 -2.65 -26.15
C LYS D 22 -15.69 -1.98 -26.34
N LEU D 23 -16.15 -1.23 -25.34
CA LEU D 23 -17.40 -0.48 -25.44
C LEU D 23 -17.26 0.67 -26.43
N PRO D 24 -18.29 0.84 -27.31
CA PRO D 24 -18.35 1.77 -28.44
C PRO D 24 -18.24 3.22 -28.00
N VAL D 25 -19.00 3.54 -26.96
CA VAL D 25 -18.92 4.80 -26.21
C VAL D 25 -17.54 5.45 -26.19
N ALA D 26 -17.47 6.71 -25.82
CA ALA D 26 -16.16 7.35 -25.73
C ALA D 26 -15.73 7.37 -24.27
N PRO D 27 -14.42 7.34 -24.04
CA PRO D 27 -13.82 7.27 -22.69
C PRO D 27 -14.47 8.27 -21.75
N GLU D 28 -14.53 9.50 -22.25
CA GLU D 28 -14.98 10.65 -21.49
C GLU D 28 -16.48 10.65 -21.20
N ARG D 29 -17.15 9.53 -21.43
CA ARG D 29 -18.61 9.50 -21.29
C ARG D 29 -19.13 8.20 -20.67
N VAL D 30 -18.43 7.10 -20.93
CA VAL D 30 -18.88 5.80 -20.47
C VAL D 30 -19.38 5.86 -19.02
N THR D 31 -20.43 5.10 -18.76
CA THR D 31 -21.04 5.11 -17.44
C THR D 31 -21.25 3.67 -16.98
N LEU D 32 -21.44 3.49 -15.68
CA LEU D 32 -21.57 2.15 -15.12
C LEU D 32 -22.52 1.27 -15.94
N ALA D 33 -23.47 1.88 -16.65
CA ALA D 33 -24.51 1.12 -17.34
C ALA D 33 -24.07 0.49 -18.67
N ASP D 34 -23.43 1.28 -19.54
CA ASP D 34 -22.95 0.76 -20.82
C ASP D 34 -22.16 -0.49 -20.53
N PHE D 35 -21.29 -0.37 -19.54
CA PHE D 35 -20.52 -1.51 -19.08
C PHE D 35 -21.49 -2.58 -18.60
N LYS D 36 -22.30 -2.25 -17.61
CA LYS D 36 -23.25 -3.19 -17.02
C LYS D 36 -24.05 -3.90 -18.11
N ASN D 37 -24.28 -3.18 -19.21
CA ASN D 37 -24.96 -3.73 -20.38
C ASN D 37 -24.21 -4.91 -20.98
N VAL D 38 -23.01 -4.64 -21.49
CA VAL D 38 -22.25 -5.60 -22.27
C VAL D 38 -21.94 -6.93 -21.55
N LEU D 39 -22.37 -7.05 -20.29
CA LEU D 39 -22.22 -8.30 -19.55
C LEU D 39 -23.52 -9.07 -19.47
N SER D 40 -24.26 -9.12 -20.57
CA SER D 40 -25.58 -9.76 -20.59
C SER D 40 -25.61 -11.19 -20.01
N ASN D 41 -24.48 -11.87 -20.09
CA ASN D 41 -24.39 -13.26 -19.68
C ASN D 41 -24.31 -13.51 -18.17
N ARG D 42 -23.38 -12.85 -17.49
CA ARG D 42 -23.28 -13.01 -16.04
C ARG D 42 -24.48 -12.35 -15.30
N PRO D 43 -24.87 -12.92 -14.14
CA PRO D 43 -26.01 -12.43 -13.37
C PRO D 43 -25.63 -11.12 -12.71
N VAL D 44 -25.84 -10.02 -13.42
CA VAL D 44 -25.23 -8.73 -13.07
C VAL D 44 -25.45 -8.23 -11.65
N HIS D 45 -26.72 -8.01 -11.30
CA HIS D 45 -27.07 -7.22 -10.12
C HIS D 45 -26.73 -7.89 -8.78
N ALA D 46 -26.30 -9.14 -8.83
CA ALA D 46 -25.79 -9.84 -7.65
C ALA D 46 -24.32 -9.46 -7.41
N TYR D 47 -23.97 -8.22 -7.77
CA TYR D 47 -22.57 -7.81 -7.81
C TYR D 47 -22.28 -6.39 -7.31
N LYS D 48 -21.12 -6.24 -6.68
CA LYS D 48 -20.54 -4.95 -6.35
C LYS D 48 -19.48 -4.58 -7.38
N PHE D 49 -19.50 -3.33 -7.82
CA PHE D 49 -18.60 -2.88 -8.89
C PHE D 49 -17.52 -1.88 -8.47
N PHE D 50 -16.26 -2.29 -8.59
CA PHE D 50 -15.14 -1.43 -8.17
C PHE D 50 -14.30 -0.99 -9.35
N PHE D 51 -13.78 0.23 -9.27
CA PHE D 51 -12.99 0.79 -10.34
C PHE D 51 -11.77 1.52 -9.82
N LYS D 52 -10.64 1.27 -10.47
CA LYS D 52 -9.34 1.75 -10.01
C LYS D 52 -9.13 3.22 -10.39
N SER D 53 -8.48 3.99 -9.53
CA SER D 53 -8.13 5.38 -9.86
C SER D 53 -7.16 6.00 -8.86
N MET D 54 -6.76 7.22 -9.17
CA MET D 54 -5.74 7.92 -8.40
C MET D 54 -6.32 9.04 -7.54
N ASP D 55 -6.37 8.82 -6.23
CA ASP D 55 -6.76 9.87 -5.31
C ASP D 55 -5.56 10.75 -4.95
N GLN D 56 -5.71 12.06 -5.15
CA GLN D 56 -4.57 12.98 -5.04
C GLN D 56 -4.03 13.14 -3.62
N ASP D 57 -4.70 12.54 -2.64
CA ASP D 57 -4.20 12.59 -1.28
C ASP D 57 -3.58 11.26 -0.88
N PHE D 58 -4.27 10.17 -1.22
CA PHE D 58 -3.84 8.86 -0.73
C PHE D 58 -3.34 7.87 -1.79
N GLY D 59 -3.45 8.24 -3.06
CA GLY D 59 -2.83 7.48 -4.12
C GLY D 59 -3.73 6.53 -4.87
N VAL D 60 -3.34 5.26 -4.93
CA VAL D 60 -4.10 4.29 -5.71
C VAL D 60 -5.20 3.71 -4.84
N VAL D 61 -6.42 3.74 -5.36
CA VAL D 61 -7.59 3.29 -4.62
C VAL D 61 -8.61 2.69 -5.58
N LYS D 62 -9.57 1.94 -5.04
CA LYS D 62 -10.62 1.31 -5.83
C LYS D 62 -11.98 1.88 -5.45
N GLU D 63 -12.58 2.66 -6.34
CA GLU D 63 -13.89 3.23 -6.08
C GLU D 63 -15.01 2.20 -6.27
N GLU D 64 -15.87 2.02 -5.27
CA GLU D 64 -17.06 1.24 -5.52
C GLU D 64 -18.18 2.10 -6.06
N ILE D 65 -18.42 2.01 -7.35
CA ILE D 65 -19.55 2.69 -7.95
C ILE D 65 -20.77 1.77 -7.92
N PHE D 66 -21.94 2.35 -7.67
CA PHE D 66 -23.21 1.61 -7.60
C PHE D 66 -24.32 2.29 -8.40
N ASP D 67 -24.11 3.56 -8.73
CA ASP D 67 -25.12 4.34 -9.45
C ASP D 67 -25.06 4.12 -10.95
N ASP D 68 -26.07 3.45 -11.48
CA ASP D 68 -26.12 3.06 -12.89
C ASP D 68 -25.84 4.17 -13.91
N ASN D 69 -25.63 5.39 -13.45
CA ASN D 69 -25.39 6.49 -14.37
C ASN D 69 -24.08 7.19 -14.06
N ALA D 70 -23.36 6.67 -13.09
CA ALA D 70 -22.09 7.26 -12.68
C ALA D 70 -21.07 7.11 -13.80
N LYS D 71 -20.30 8.15 -14.01
CA LYS D 71 -19.14 8.08 -14.90
C LYS D 71 -18.18 7.02 -14.41
N LEU D 72 -17.29 6.58 -15.30
CA LEU D 72 -16.35 5.52 -14.94
C LEU D 72 -14.93 6.04 -14.82
N PRO D 73 -14.33 5.81 -13.65
CA PRO D 73 -12.99 6.28 -13.31
C PRO D 73 -11.93 5.56 -14.13
N CYS D 74 -11.21 6.28 -14.97
CA CYS D 74 -10.05 5.69 -15.63
C CYS D 74 -8.92 5.50 -14.61
N PHE D 75 -7.87 4.79 -15.04
CA PHE D 75 -6.60 4.84 -14.32
C PHE D 75 -5.52 4.84 -15.38
N ASN D 76 -4.69 5.87 -15.40
CA ASN D 76 -3.68 5.97 -16.45
C ASN D 76 -4.24 5.55 -17.81
N GLY D 77 -5.44 6.06 -18.10
CA GLY D 77 -6.02 5.93 -19.42
C GLY D 77 -6.85 4.68 -19.65
N ARG D 78 -7.08 3.91 -18.60
CA ARG D 78 -7.75 2.62 -18.76
C ARG D 78 -8.74 2.35 -17.66
N VAL D 79 -9.93 1.88 -18.03
CA VAL D 79 -10.87 1.49 -17.00
C VAL D 79 -10.47 0.11 -16.53
N VAL D 80 -10.29 -0.06 -15.23
CA VAL D 80 -9.88 -1.34 -14.64
C VAL D 80 -10.79 -1.65 -13.48
N SER D 81 -11.54 -2.74 -13.57
CA SER D 81 -12.61 -2.95 -12.61
C SER D 81 -12.57 -4.32 -11.93
N TRP D 82 -13.12 -4.40 -10.74
CA TRP D 82 -13.34 -5.67 -10.05
C TRP D 82 -14.81 -5.83 -9.76
N LEU D 83 -15.30 -7.05 -9.89
CA LEU D 83 -16.69 -7.35 -9.58
C LEU D 83 -16.76 -8.41 -8.50
N VAL D 84 -17.38 -8.11 -7.37
CA VAL D 84 -17.66 -9.14 -6.37
C VAL D 84 -19.12 -9.10 -5.93
N LEU D 85 -19.54 -10.11 -5.18
CA LEU D 85 -20.95 -10.29 -4.81
C LEU D 85 -21.21 -10.10 -3.31
N ALA D 86 -22.42 -10.45 -2.87
CA ALA D 86 -22.78 -10.38 -1.46
C ALA D 86 -23.33 -11.71 -0.95
N MET E 4 -17.81 19.77 0.33
CA MET E 4 -19.27 19.90 0.35
C MET E 4 -19.97 18.54 0.28
N ASP E 5 -19.20 17.51 -0.05
CA ASP E 5 -19.57 16.13 0.28
C ASP E 5 -18.38 15.31 0.74
N THR E 6 -18.60 14.06 1.08
CA THR E 6 -17.62 13.41 1.93
C THR E 6 -17.10 12.09 1.40
N LYS E 7 -15.84 12.08 0.96
CA LYS E 7 -15.25 10.84 0.50
C LYS E 7 -14.36 10.23 1.57
N ILE E 8 -14.53 8.94 1.76
CA ILE E 8 -13.87 8.26 2.86
C ILE E 8 -13.16 7.01 2.34
N ILE E 9 -11.85 6.96 2.56
CA ILE E 9 -11.08 5.81 2.10
C ILE E 9 -10.80 4.85 3.26
N TYR E 10 -11.07 3.56 3.03
CA TYR E 10 -10.87 2.58 4.08
C TYR E 10 -10.02 1.38 3.68
N HIS E 11 -9.43 0.73 4.68
CA HIS E 11 -8.53 -0.39 4.46
C HIS E 11 -9.08 -1.67 5.02
N MET E 12 -9.04 -2.73 4.22
CA MET E 12 -9.25 -4.05 4.79
C MET E 12 -7.90 -4.55 5.27
N ASP E 13 -7.88 -5.11 6.46
CA ASP E 13 -6.68 -5.74 6.99
C ASP E 13 -5.97 -6.60 5.94
N GLU E 14 -6.78 -7.25 5.10
CA GLU E 14 -6.27 -8.22 4.12
C GLU E 14 -5.65 -7.57 2.89
N GLU E 15 -6.37 -6.61 2.30
CA GLU E 15 -6.04 -6.12 0.96
C GLU E 15 -4.86 -5.13 0.89
N GLU E 16 -4.25 -5.05 -0.30
CA GLU E 16 -3.04 -4.25 -0.50
C GLU E 16 -3.38 -2.82 -0.95
N THR E 17 -4.61 -2.62 -1.43
CA THR E 17 -5.04 -1.31 -1.91
C THR E 17 -6.42 -0.93 -1.38
N PRO E 18 -6.52 0.26 -0.78
CA PRO E 18 -7.71 0.74 -0.07
C PRO E 18 -8.89 0.96 -0.99
N ASP E 19 -10.09 0.87 -0.44
CA ASP E 19 -11.28 1.24 -1.17
C ASP E 19 -11.57 2.71 -0.93
N LEU E 20 -12.36 3.32 -1.79
CA LEU E 20 -12.77 4.70 -1.60
C LEU E 20 -14.24 4.78 -1.92
N VAL E 21 -14.98 5.34 -0.98
CA VAL E 21 -16.41 5.46 -1.14
C VAL E 21 -16.77 6.92 -1.02
N LYS E 22 -17.89 7.32 -1.62
CA LYS E 22 -18.30 8.71 -1.57
C LYS E 22 -19.70 8.80 -0.99
N LEU E 23 -19.92 9.76 -0.09
CA LEU E 23 -21.20 9.85 0.60
C LEU E 23 -21.91 11.18 0.36
N PRO E 24 -23.22 11.09 0.14
CA PRO E 24 -24.13 12.20 -0.17
C PRO E 24 -24.12 13.21 0.97
N VAL E 25 -23.48 12.87 2.09
CA VAL E 25 -23.44 13.71 3.28
C VAL E 25 -22.31 14.73 3.22
N ALA E 26 -22.29 15.66 4.16
CA ALA E 26 -21.20 16.63 4.23
C ALA E 26 -20.21 16.19 5.29
N PRO E 27 -18.93 16.55 5.13
CA PRO E 27 -17.84 16.16 6.02
C PRO E 27 -18.23 16.30 7.49
N GLU E 28 -18.32 17.52 7.97
CA GLU E 28 -18.93 17.72 9.27
C GLU E 28 -20.36 17.23 9.09
N ARG E 29 -20.79 16.29 9.92
CA ARG E 29 -22.14 15.75 9.87
C ARG E 29 -22.24 14.32 9.32
N VAL E 30 -21.11 13.73 8.94
CA VAL E 30 -21.04 12.30 8.62
C VAL E 30 -20.75 11.48 9.87
N THR E 31 -21.42 10.33 9.99
CA THR E 31 -21.30 9.50 11.18
C THR E 31 -21.14 8.03 10.85
N LEU E 32 -20.40 7.32 11.71
CA LEU E 32 -20.24 5.89 11.58
C LEU E 32 -21.47 5.26 10.94
N ALA E 33 -22.66 5.60 11.45
CA ALA E 33 -23.93 5.11 10.90
C ALA E 33 -23.96 5.18 9.38
N ASP E 34 -23.77 6.38 8.85
CA ASP E 34 -23.74 6.58 7.40
C ASP E 34 -22.77 5.62 6.71
N PHE E 35 -21.50 5.71 7.08
CA PHE E 35 -20.49 4.76 6.59
C PHE E 35 -20.99 3.32 6.65
N LYS E 36 -21.59 2.94 7.76
CA LYS E 36 -22.08 1.57 7.93
C LYS E 36 -23.05 1.22 6.82
N ASN E 37 -23.95 2.15 6.51
CA ASN E 37 -25.01 1.94 5.52
C ASN E 37 -24.47 1.58 4.14
N VAL E 38 -23.39 2.25 3.74
CA VAL E 38 -22.77 2.01 2.46
C VAL E 38 -22.07 0.66 2.42
N LEU E 39 -22.16 -0.10 3.50
CA LEU E 39 -21.45 -1.38 3.56
C LEU E 39 -22.37 -2.58 3.71
N SER E 40 -23.58 -2.46 3.16
CA SER E 40 -24.61 -3.52 3.23
C SER E 40 -24.04 -4.94 3.22
N ASN E 41 -23.36 -5.27 2.13
CA ASN E 41 -22.85 -6.62 1.86
C ASN E 41 -21.94 -7.24 2.94
N ARG E 42 -21.34 -6.39 3.76
CA ARG E 42 -20.39 -6.87 4.77
C ARG E 42 -21.06 -7.00 6.13
N PRO E 43 -20.66 -8.01 6.90
CA PRO E 43 -21.18 -8.17 8.26
C PRO E 43 -20.59 -7.09 9.18
N VAL E 44 -21.09 -5.86 9.05
CA VAL E 44 -20.51 -4.73 9.77
C VAL E 44 -20.38 -4.96 11.28
N HIS E 45 -21.19 -5.87 11.81
CA HIS E 45 -21.17 -6.13 13.24
C HIS E 45 -19.97 -6.98 13.61
N ALA E 46 -19.41 -7.67 12.63
CA ALA E 46 -18.19 -8.45 12.82
C ALA E 46 -16.94 -7.59 12.59
N TYR E 47 -17.06 -6.30 12.84
CA TYR E 47 -15.96 -5.39 12.54
C TYR E 47 -15.75 -4.31 13.58
N LYS E 48 -14.49 -3.94 13.76
CA LYS E 48 -14.12 -2.76 14.52
C LYS E 48 -13.72 -1.66 13.56
N PHE E 49 -14.03 -0.42 13.91
CA PHE E 49 -13.78 0.69 13.03
C PHE E 49 -12.78 1.67 13.61
N PHE E 50 -11.68 1.88 12.89
CA PHE E 50 -10.71 2.85 13.33
C PHE E 50 -10.60 3.99 12.35
N PHE E 51 -10.20 5.15 12.82
CA PHE E 51 -10.19 6.30 11.96
C PHE E 51 -9.00 7.17 12.27
N LYS E 52 -8.28 7.58 11.23
CA LYS E 52 -7.27 8.57 11.45
C LYS E 52 -8.00 9.72 12.11
N SER E 53 -7.51 10.17 13.25
CA SER E 53 -8.06 11.36 13.86
C SER E 53 -6.99 12.12 14.61
N MET E 54 -7.30 13.35 14.97
CA MET E 54 -6.34 14.22 15.62
C MET E 54 -6.68 14.41 17.10
N ASP E 55 -5.73 14.10 17.96
CA ASP E 55 -5.91 14.34 19.38
C ASP E 55 -5.16 15.58 19.83
N GLN E 56 -5.79 16.40 20.67
CA GLN E 56 -5.24 17.73 20.91
C GLN E 56 -4.03 17.63 21.79
N ASP E 57 -3.83 16.43 22.35
CA ASP E 57 -2.74 16.20 23.29
C ASP E 57 -1.61 15.39 22.66
N PHE E 58 -1.96 14.42 21.83
CA PHE E 58 -0.95 13.54 21.25
C PHE E 58 -0.83 13.64 19.74
N GLY E 59 -1.60 14.53 19.13
CA GLY E 59 -1.59 14.65 17.70
C GLY E 59 -2.21 13.44 17.00
N VAL E 60 -1.62 13.01 15.90
CA VAL E 60 -2.25 12.01 15.03
C VAL E 60 -2.38 10.67 15.74
N VAL E 61 -3.58 10.08 15.71
CA VAL E 61 -3.82 8.77 16.34
C VAL E 61 -4.89 8.00 15.59
N LYS E 62 -4.98 6.69 15.84
CA LYS E 62 -5.97 5.82 15.22
C LYS E 62 -7.09 5.58 16.20
N GLU E 63 -8.25 6.17 15.97
CA GLU E 63 -9.31 6.16 16.98
C GLU E 63 -10.40 5.16 16.72
N GLU E 64 -10.64 4.24 17.64
CA GLU E 64 -11.73 3.32 17.44
C GLU E 64 -13.04 4.02 17.74
N ILE E 65 -14.08 3.63 17.02
CA ILE E 65 -15.37 4.28 17.16
C ILE E 65 -16.47 3.25 17.02
N PHE E 66 -17.50 3.33 17.85
CA PHE E 66 -18.56 2.32 17.82
C PHE E 66 -20.00 2.81 17.87
N ASP E 67 -20.22 4.06 18.29
CA ASP E 67 -21.55 4.65 18.26
C ASP E 67 -21.88 5.06 16.83
N ASP E 68 -22.90 4.46 16.23
CA ASP E 68 -23.47 5.05 15.03
C ASP E 68 -23.84 6.38 15.60
N ASN E 69 -23.74 7.44 14.84
CA ASN E 69 -24.09 8.78 15.37
C ASN E 69 -22.92 9.50 16.02
N ALA E 70 -21.78 8.84 16.07
CA ALA E 70 -20.54 9.52 16.40
C ALA E 70 -20.02 10.13 15.11
N LYS E 71 -19.62 11.40 15.14
CA LYS E 71 -19.06 12.02 13.93
C LYS E 71 -17.71 11.39 13.63
N LEU E 72 -17.43 11.15 12.34
CA LEU E 72 -16.16 10.58 11.92
C LEU E 72 -15.12 11.68 11.73
N PRO E 73 -13.90 11.45 12.26
CA PRO E 73 -12.78 12.39 12.16
C PRO E 73 -12.51 12.69 10.70
N CYS E 74 -12.04 13.89 10.42
CA CYS E 74 -12.10 14.39 9.05
C CYS E 74 -11.02 15.39 8.73
N PHE E 75 -9.86 14.91 8.33
CA PHE E 75 -8.83 15.78 7.79
C PHE E 75 -9.24 16.27 6.41
N ASN E 76 -9.51 17.57 6.31
CA ASN E 76 -9.65 18.26 5.03
C ASN E 76 -10.35 17.48 3.90
N GLY E 77 -11.63 17.17 4.13
CA GLY E 77 -12.45 16.55 3.11
C GLY E 77 -12.50 15.05 3.23
N ARG E 78 -11.42 14.46 3.71
CA ARG E 78 -11.32 13.00 3.70
C ARG E 78 -11.38 12.32 5.06
N VAL E 79 -11.84 11.08 5.04
CA VAL E 79 -11.89 10.25 6.23
C VAL E 79 -11.07 9.02 5.92
N VAL E 80 -10.06 8.71 6.73
CA VAL E 80 -9.26 7.51 6.53
C VAL E 80 -9.59 6.50 7.59
N SER E 81 -9.94 5.28 7.21
CA SER E 81 -10.39 4.31 8.21
C SER E 81 -9.75 2.95 8.03
N TRP E 82 -9.73 2.18 9.12
CA TRP E 82 -9.29 0.79 9.12
C TRP E 82 -10.36 -0.13 9.68
N LEU E 83 -10.57 -1.27 9.03
CA LEU E 83 -11.58 -2.25 9.43
C LEU E 83 -10.95 -3.56 9.89
N VAL E 84 -11.39 -4.05 11.05
CA VAL E 84 -10.85 -5.31 11.60
C VAL E 84 -11.90 -6.14 12.32
N LEU E 85 -11.55 -7.38 12.67
CA LEU E 85 -12.52 -8.40 13.06
C LEU E 85 -12.98 -8.39 14.51
N ALA E 86 -12.13 -8.91 15.41
CA ALA E 86 -12.39 -9.00 16.86
C ALA E 86 -12.59 -10.43 17.36
N PRO F 2 -23.93 15.86 29.40
CA PRO F 2 -22.56 15.38 29.59
C PRO F 2 -22.59 13.88 29.86
N HIS F 3 -21.68 13.13 29.26
CA HIS F 3 -21.53 11.73 29.65
C HIS F 3 -20.24 11.52 30.42
N MET F 4 -20.18 10.39 31.11
CA MET F 4 -18.98 10.02 31.84
C MET F 4 -18.24 9.06 30.95
N ASP F 5 -17.02 9.44 30.57
CA ASP F 5 -16.21 8.56 29.73
C ASP F 5 -14.73 8.84 29.90
N THR F 6 -13.91 7.85 29.57
CA THR F 6 -12.47 8.02 29.67
C THR F 6 -11.76 7.84 28.34
N LYS F 7 -10.97 8.85 27.99
CA LYS F 7 -9.99 8.75 26.93
C LYS F 7 -8.79 7.84 27.31
N ILE F 8 -8.70 6.68 26.71
CA ILE F 8 -7.48 5.89 26.78
C ILE F 8 -6.64 5.94 25.50
N ILE F 9 -5.44 6.50 25.54
CA ILE F 9 -4.56 6.26 24.39
C ILE F 9 -3.51 5.22 24.72
N TYR F 10 -3.33 4.25 23.85
CA TYR F 10 -2.39 3.18 24.15
C TYR F 10 -1.43 2.89 23.02
N HIS F 11 -0.16 2.77 23.36
CA HIS F 11 0.89 2.56 22.38
C HIS F 11 1.19 1.09 22.13
N MET F 12 1.20 0.72 20.86
CA MET F 12 1.55 -0.63 20.47
C MET F 12 3.04 -0.72 20.13
N ASP F 13 3.68 -1.74 20.71
CA ASP F 13 5.10 -2.01 20.53
C ASP F 13 5.57 -1.84 19.09
N GLU F 14 4.68 -2.19 18.16
CA GLU F 14 5.03 -2.40 16.77
C GLU F 14 4.31 -1.43 15.85
N GLU F 15 3.74 -0.37 16.42
CA GLU F 15 2.80 0.44 15.63
C GLU F 15 3.22 1.89 15.42
N GLU F 16 2.82 2.40 14.26
CA GLU F 16 3.23 3.71 13.76
C GLU F 16 2.68 4.84 14.61
N THR F 17 1.40 4.73 14.93
CA THR F 17 0.69 5.74 15.68
C THR F 17 0.03 5.12 16.90
N PRO F 18 -0.29 5.93 17.92
CA PRO F 18 -0.98 5.45 19.11
C PRO F 18 -2.41 5.13 18.78
N ASP F 19 -3.08 4.41 19.67
CA ASP F 19 -4.50 4.17 19.53
C ASP F 19 -5.30 4.99 20.55
N LEU F 20 -6.48 5.42 20.12
CA LEU F 20 -7.37 6.17 20.98
C LEU F 20 -8.73 5.50 21.00
N VAL F 21 -9.13 5.02 22.17
CA VAL F 21 -10.50 4.58 22.34
C VAL F 21 -11.10 5.36 23.50
N LYS F 22 -12.40 5.68 23.41
CA LYS F 22 -13.09 6.35 24.52
C LYS F 22 -14.08 5.40 25.14
N LEU F 23 -14.09 5.33 26.48
CA LEU F 23 -14.95 4.38 27.20
C LEU F 23 -16.16 5.02 27.91
N PRO F 24 -17.31 4.35 27.86
CA PRO F 24 -18.57 4.79 28.45
C PRO F 24 -18.59 4.68 29.98
N VAL F 25 -17.46 4.98 30.62
CA VAL F 25 -17.36 4.91 32.08
C VAL F 25 -16.49 6.04 32.58
N ALA F 26 -16.74 6.49 33.80
CA ALA F 26 -15.98 7.61 34.34
C ALA F 26 -14.54 7.21 34.65
N PRO F 27 -13.60 8.15 34.46
CA PRO F 27 -12.20 7.90 34.80
C PRO F 27 -12.08 7.23 36.15
N GLU F 28 -12.96 7.63 37.08
CA GLU F 28 -12.91 7.18 38.47
C GLU F 28 -13.12 5.69 38.70
N ARG F 29 -13.79 5.00 37.79
CA ARG F 29 -14.03 3.57 37.98
C ARG F 29 -13.69 2.72 36.79
N VAL F 30 -12.67 3.12 36.03
CA VAL F 30 -12.23 2.32 34.90
C VAL F 30 -11.26 1.25 35.38
N THR F 31 -11.43 0.02 34.91
CA THR F 31 -10.55 -1.05 35.35
C THR F 31 -9.90 -1.76 34.19
N LEU F 32 -8.75 -2.37 34.41
CA LEU F 32 -8.06 -3.09 33.36
C LEU F 32 -8.98 -4.10 32.67
N ALA F 33 -10.11 -4.41 33.32
CA ALA F 33 -11.10 -5.30 32.73
C ALA F 33 -11.72 -4.63 31.51
N ASP F 34 -12.32 -3.46 31.76
CA ASP F 34 -12.91 -2.63 30.72
C ASP F 34 -12.02 -2.52 29.49
N PHE F 35 -10.74 -2.23 29.73
CA PHE F 35 -9.75 -2.02 28.69
C PHE F 35 -9.53 -3.29 27.89
N LYS F 36 -9.29 -4.40 28.60
CA LYS F 36 -9.06 -5.66 27.92
C LYS F 36 -10.27 -5.96 27.04
N ASN F 37 -11.45 -5.61 27.54
CA ASN F 37 -12.68 -5.72 26.76
C ASN F 37 -12.52 -5.02 25.42
N VAL F 38 -12.31 -3.72 25.52
CA VAL F 38 -12.21 -2.86 24.35
C VAL F 38 -11.31 -3.38 23.25
N LEU F 39 -10.44 -4.33 23.55
CA LEU F 39 -9.55 -4.84 22.52
C LEU F 39 -9.57 -6.35 22.43
N SER F 40 -10.76 -6.87 22.15
CA SER F 40 -10.98 -8.30 22.00
C SER F 40 -10.23 -8.90 20.80
N ASN F 41 -10.02 -8.09 19.76
CA ASN F 41 -9.32 -8.57 18.57
C ASN F 41 -7.87 -8.94 18.85
N ARG F 42 -7.38 -8.59 20.04
CA ARG F 42 -5.99 -8.83 20.39
C ARG F 42 -5.83 -9.94 21.41
N PRO F 43 -4.61 -10.48 21.51
CA PRO F 43 -4.15 -11.49 22.47
C PRO F 43 -4.52 -11.23 23.94
N VAL F 44 -4.80 -9.98 24.32
CA VAL F 44 -4.71 -9.60 25.73
C VAL F 44 -3.42 -10.23 26.28
N HIS F 45 -3.45 -10.77 27.49
CA HIS F 45 -2.34 -11.59 27.97
C HIS F 45 -1.90 -12.53 26.85
N ALA F 46 -0.60 -12.72 26.65
CA ALA F 46 0.42 -12.10 27.47
C ALA F 46 0.82 -10.75 26.89
N TYR F 47 0.21 -9.71 27.43
CA TYR F 47 0.64 -8.35 27.23
C TYR F 47 0.70 -7.76 28.61
N LYS F 48 1.66 -6.89 28.86
CA LYS F 48 1.76 -6.31 30.18
C LYS F 48 1.35 -4.85 30.12
N PHE F 49 0.64 -4.39 31.12
CA PHE F 49 -0.01 -3.10 31.01
C PHE F 49 0.57 -2.03 31.91
N PHE F 50 1.34 -1.15 31.31
CA PHE F 50 1.88 -0.03 32.05
C PHE F 50 0.99 1.16 31.81
N PHE F 51 1.06 2.15 32.68
CA PHE F 51 0.18 3.29 32.58
C PHE F 51 0.85 4.55 33.10
N LYS F 52 1.11 5.51 32.23
CA LYS F 52 1.61 6.79 32.69
C LYS F 52 0.77 7.19 33.90
N SER F 53 1.42 7.82 34.88
CA SER F 53 0.78 8.11 36.16
C SER F 53 1.65 9.01 37.03
N MET F 54 1.01 9.86 37.83
CA MET F 54 1.77 10.79 38.67
C MET F 54 1.95 10.26 40.08
N ASP F 55 3.04 10.66 40.71
CA ASP F 55 3.41 10.17 42.02
C ASP F 55 3.88 11.35 42.82
N GLN F 56 3.33 11.53 44.01
CA GLN F 56 3.55 12.78 44.73
C GLN F 56 5.01 12.98 45.11
N ASP F 57 5.77 11.89 45.07
CA ASP F 57 7.16 11.96 45.50
C ASP F 57 8.13 11.94 44.34
N PHE F 58 7.89 11.08 43.36
CA PHE F 58 8.83 10.94 42.26
C PHE F 58 8.35 11.54 40.96
N GLY F 59 7.18 12.16 41.00
CA GLY F 59 6.63 12.77 39.80
C GLY F 59 6.17 11.77 38.77
N VAL F 60 6.66 11.87 37.54
CA VAL F 60 6.08 11.05 36.49
C VAL F 60 6.70 9.67 36.46
N VAL F 61 5.86 8.67 36.71
CA VAL F 61 6.33 7.29 36.75
C VAL F 61 5.43 6.42 35.90
N LYS F 62 5.86 5.21 35.61
CA LYS F 62 5.03 4.32 34.79
C LYS F 62 4.53 3.07 35.54
N GLU F 63 3.38 3.23 36.17
CA GLU F 63 2.69 2.15 36.89
C GLU F 63 2.41 0.95 36.01
N GLU F 64 2.31 -0.23 36.62
CA GLU F 64 1.85 -1.42 35.91
C GLU F 64 0.66 -2.08 36.61
N ILE F 65 -0.15 -2.77 35.81
CA ILE F 65 -1.30 -3.49 36.32
C ILE F 65 -1.36 -4.91 35.76
N PHE F 66 -1.91 -5.80 36.57
CA PHE F 66 -2.00 -7.24 36.28
C PHE F 66 -3.34 -7.78 36.79
N ASP F 67 -3.96 -7.03 37.71
CA ASP F 67 -5.23 -7.41 38.34
C ASP F 67 -6.44 -6.69 37.71
N ASP F 68 -7.37 -7.49 37.18
CA ASP F 68 -8.41 -6.96 36.30
C ASP F 68 -9.48 -6.09 36.99
N ASN F 69 -9.76 -6.35 38.26
CA ASN F 69 -10.72 -5.51 38.97
C ASN F 69 -10.04 -4.25 39.53
N ALA F 70 -8.85 -3.97 39.02
CA ALA F 70 -8.07 -2.83 39.49
C ALA F 70 -8.37 -1.53 38.73
N LYS F 71 -8.58 -0.44 39.47
CA LYS F 71 -8.74 0.88 38.87
C LYS F 71 -7.50 1.22 38.00
N LEU F 72 -7.71 2.05 36.98
CA LEU F 72 -6.61 2.48 36.10
C LEU F 72 -6.21 3.91 36.41
N PRO F 73 -4.91 4.18 36.36
CA PRO F 73 -4.37 5.48 36.76
C PRO F 73 -4.51 6.48 35.62
N CYS F 74 -4.70 7.74 35.95
CA CYS F 74 -4.91 8.76 34.94
C CYS F 74 -3.90 9.88 35.08
N PHE F 75 -3.33 10.32 33.97
CA PHE F 75 -2.47 11.47 34.02
C PHE F 75 -3.22 12.69 33.47
N ASN F 76 -3.54 13.63 34.37
CA ASN F 76 -4.28 14.82 33.97
C ASN F 76 -5.61 14.50 33.27
N GLY F 77 -6.34 13.51 33.78
CA GLY F 77 -7.66 13.22 33.28
C GLY F 77 -7.72 12.12 32.25
N ARG F 78 -6.60 11.90 31.56
CA ARG F 78 -6.56 10.92 30.47
C ARG F 78 -5.90 9.65 30.96
N VAL F 79 -5.94 8.62 30.12
CA VAL F 79 -5.26 7.38 30.42
C VAL F 79 -4.31 7.07 29.28
N VAL F 80 -3.01 7.15 29.59
CA VAL F 80 -1.92 6.82 28.68
C VAL F 80 -1.31 5.45 29.03
N SER F 81 -1.52 4.46 28.16
CA SER F 81 -1.10 3.10 28.46
C SER F 81 0.03 2.60 27.55
N TRP F 82 0.67 1.50 27.96
CA TRP F 82 1.71 0.84 27.18
C TRP F 82 1.54 -0.67 27.14
N LEU F 83 1.62 -1.24 25.94
CA LEU F 83 1.41 -2.67 25.76
C LEU F 83 2.66 -3.38 25.24
N VAL F 84 3.35 -4.07 26.15
CA VAL F 84 4.53 -4.86 25.82
C VAL F 84 4.25 -6.34 26.00
N LEU F 85 4.56 -7.14 24.98
CA LEU F 85 4.31 -8.59 25.05
C LEU F 85 5.32 -9.35 25.92
N ALA F 86 4.80 -10.04 26.94
CA ALA F 86 5.64 -10.86 27.83
C ALA F 86 6.40 -11.92 27.04
N ASP G 5 4.15 35.54 33.95
CA ASP G 5 2.86 35.31 33.33
C ASP G 5 2.95 34.09 32.40
N THR G 6 4.16 33.72 32.00
CA THR G 6 4.34 32.58 31.09
C THR G 6 5.46 31.60 31.51
N LYS G 7 5.14 30.32 31.54
CA LYS G 7 6.08 29.31 32.02
C LYS G 7 6.63 28.36 30.95
N ILE G 8 7.93 28.44 30.74
CA ILE G 8 8.58 27.54 29.80
C ILE G 8 9.44 26.48 30.47
N ILE G 9 9.20 25.23 30.07
CA ILE G 9 9.98 24.12 30.54
C ILE G 9 10.86 23.64 29.40
N TYR G 10 12.14 23.41 29.67
CA TYR G 10 13.03 22.99 28.62
C TYR G 10 14.03 21.92 29.05
N HIS G 11 14.42 21.05 28.13
CA HIS G 11 15.36 19.99 28.45
C HIS G 11 16.72 20.25 27.83
N MET G 12 17.78 19.86 28.53
CA MET G 12 19.10 19.85 27.95
C MET G 12 19.41 18.40 27.60
N ASP G 13 20.13 18.19 26.50
CA ASP G 13 20.48 16.82 26.12
C ASP G 13 21.15 16.15 27.31
N GLU G 14 22.19 16.80 27.83
CA GLU G 14 22.85 16.31 29.04
C GLU G 14 22.08 16.81 30.25
N GLU G 15 20.89 16.26 30.48
CA GLU G 15 20.08 16.76 31.61
C GLU G 15 19.15 15.76 32.27
N GLU G 16 19.28 15.71 33.60
CA GLU G 16 18.55 14.76 34.44
C GLU G 16 17.03 14.98 34.42
N THR G 17 16.59 16.04 35.07
CA THR G 17 15.18 16.41 35.08
C THR G 17 15.02 17.71 34.30
N PRO G 18 13.84 17.93 33.68
CA PRO G 18 13.63 19.19 32.95
C PRO G 18 13.87 20.42 33.82
N ASP G 19 14.19 21.56 33.19
CA ASP G 19 14.29 22.82 33.91
C ASP G 19 12.99 23.58 33.73
N LEU G 20 12.62 24.37 34.72
CA LEU G 20 11.47 25.25 34.59
C LEU G 20 11.89 26.69 34.80
N VAL G 21 11.19 27.61 34.16
CA VAL G 21 11.44 29.03 34.30
C VAL G 21 10.13 29.77 34.10
N LYS G 22 10.00 30.90 34.77
CA LYS G 22 8.81 31.72 34.66
C LYS G 22 9.17 33.13 34.21
N LEU G 23 8.53 33.55 33.12
CA LEU G 23 8.73 34.87 32.55
C LEU G 23 7.49 35.72 32.77
N PRO G 24 7.68 36.98 33.17
CA PRO G 24 6.55 37.85 33.50
C PRO G 24 5.79 38.22 32.22
N VAL G 25 6.37 37.85 31.07
CA VAL G 25 5.90 38.23 29.75
C VAL G 25 4.68 37.45 29.29
N ALA G 26 4.05 37.94 28.22
CA ALA G 26 3.14 37.15 27.39
C ALA G 26 2.05 36.39 28.19
N PRO G 27 1.66 35.15 27.78
CA PRO G 27 2.13 34.13 26.82
C PRO G 27 2.00 34.51 25.35
N GLU G 28 0.98 35.29 25.02
CA GLU G 28 0.73 35.68 23.64
C GLU G 28 1.95 36.33 22.99
N ARG G 29 2.79 37.00 23.78
CA ARG G 29 3.87 37.78 23.20
C ARG G 29 5.28 37.40 23.66
N VAL G 30 5.47 36.15 24.08
CA VAL G 30 6.80 35.71 24.46
C VAL G 30 7.63 35.68 23.19
N THR G 31 8.90 35.34 23.30
CA THR G 31 9.77 35.57 22.19
C THR G 31 11.07 34.89 22.47
N LEU G 32 11.68 34.28 21.47
CA LEU G 32 12.93 33.58 21.71
C LEU G 32 13.87 34.45 22.54
N ALA G 33 13.75 35.76 22.37
CA ALA G 33 14.59 36.70 23.10
C ALA G 33 14.29 36.67 24.59
N ASP G 34 13.04 36.94 24.93
CA ASP G 34 12.57 36.86 26.31
C ASP G 34 13.14 35.64 27.03
N PHE G 35 13.18 34.52 26.33
CA PHE G 35 13.67 33.28 26.91
C PHE G 35 15.19 33.26 26.83
N LYS G 36 15.72 33.64 25.67
CA LYS G 36 17.16 33.65 25.47
C LYS G 36 17.87 34.47 26.55
N ASN G 37 17.36 35.66 26.81
CA ASN G 37 18.01 36.59 27.74
C ASN G 37 17.82 36.20 29.20
N VAL G 38 17.58 34.93 29.45
CA VAL G 38 17.36 34.45 30.81
C VAL G 38 18.20 33.20 31.06
N LEU G 39 19.00 32.83 30.06
CA LEU G 39 19.96 31.75 30.24
C LEU G 39 21.34 32.33 30.47
N SER G 40 21.40 33.38 31.28
CA SER G 40 22.65 34.10 31.54
C SER G 40 23.88 33.21 31.65
N ASN G 41 23.91 32.34 32.66
CA ASN G 41 25.06 31.46 32.90
C ASN G 41 25.44 30.54 31.73
N ARG G 42 24.46 30.23 30.87
CA ARG G 42 24.65 29.28 29.78
C ARG G 42 24.96 29.98 28.44
N PRO G 43 25.73 29.31 27.57
CA PRO G 43 26.00 29.80 26.21
C PRO G 43 24.70 30.20 25.49
N HIS G 45 23.47 31.06 22.39
CA HIS G 45 24.00 31.22 21.04
C HIS G 45 24.82 30.00 20.59
N ALA G 46 25.44 29.30 21.53
CA ALA G 46 26.13 28.04 21.22
C ALA G 46 25.09 26.93 21.07
N TYR G 47 23.82 27.35 21.03
CA TYR G 47 22.69 26.44 21.18
C TYR G 47 21.62 26.57 20.09
N LYS G 48 21.03 25.42 19.73
CA LYS G 48 19.93 25.36 18.77
C LYS G 48 18.62 25.00 19.49
N PHE G 49 17.56 25.71 19.13
CA PHE G 49 16.36 25.75 19.96
C PHE G 49 15.11 25.24 19.27
N PHE G 50 14.65 24.05 19.67
CA PHE G 50 13.38 23.55 19.17
C PHE G 50 12.30 23.74 20.21
N PHE G 51 11.05 23.84 19.76
CA PHE G 51 9.93 24.03 20.65
C PHE G 51 8.77 23.20 20.20
N LYS G 52 8.26 22.38 21.09
CA LYS G 52 7.12 21.55 20.75
C LYS G 52 5.95 22.38 20.27
N SER G 53 5.32 21.93 19.20
CA SER G 53 4.06 22.51 18.74
C SER G 53 3.27 21.50 17.91
N MET G 54 2.03 21.86 17.61
CA MET G 54 1.15 20.98 16.85
C MET G 54 1.01 21.44 15.40
N ASP G 55 1.23 20.54 14.45
CA ASP G 55 0.98 20.82 13.05
C ASP G 55 -0.38 20.30 12.63
N GLN G 56 -1.10 21.13 11.87
CA GLN G 56 -2.50 20.85 11.60
C GLN G 56 -2.79 19.49 11.00
N ASP G 57 -1.80 18.89 10.34
CA ASP G 57 -2.02 17.59 9.72
C ASP G 57 -1.00 16.51 10.09
N PHE G 58 0.06 16.90 10.79
CA PHE G 58 1.05 15.94 11.26
C PHE G 58 1.10 15.82 12.76
N GLY G 59 0.33 16.65 13.46
CA GLY G 59 0.34 16.61 14.91
C GLY G 59 1.66 17.08 15.51
N VAL G 60 2.04 16.43 16.61
CA VAL G 60 3.18 16.85 17.41
C VAL G 60 4.51 16.87 16.65
N VAL G 61 5.24 17.98 16.79
CA VAL G 61 6.56 18.16 16.16
C VAL G 61 7.45 19.14 16.95
N LYS G 62 8.76 19.05 16.76
CA LYS G 62 9.70 19.99 17.34
C LYS G 62 10.05 21.03 16.29
N GLU G 63 9.66 22.27 16.54
CA GLU G 63 9.86 23.32 15.56
C GLU G 63 11.05 24.19 15.89
N GLU G 64 12.19 23.93 15.27
CA GLU G 64 13.37 24.79 15.46
C GLU G 64 13.06 26.25 15.18
N ILE G 65 13.69 27.13 15.95
CA ILE G 65 13.52 28.57 15.79
C ILE G 65 14.86 29.23 16.07
N PHE G 66 15.13 30.31 15.35
CA PHE G 66 16.40 31.03 15.48
C PHE G 66 16.24 32.55 15.37
N ASP G 67 15.03 32.98 15.02
CA ASP G 67 14.75 34.41 14.93
C ASP G 67 14.25 34.98 16.28
N ASP G 68 15.01 35.92 16.82
CA ASP G 68 14.85 36.37 18.21
C ASP G 68 13.69 37.30 18.48
N ASN G 69 12.73 37.38 17.56
CA ASN G 69 11.57 38.22 17.81
C ASN G 69 10.30 37.47 17.48
N ALA G 70 10.46 36.16 17.25
CA ALA G 70 9.34 35.29 16.89
C ALA G 70 8.66 34.75 18.12
N LYS G 71 7.33 34.83 18.12
CA LYS G 71 6.53 34.24 19.19
C LYS G 71 7.05 32.83 19.45
N LEU G 72 6.83 32.33 20.67
CA LEU G 72 7.23 30.97 21.01
C LEU G 72 6.03 30.04 20.95
N PRO G 73 6.17 28.91 20.24
CA PRO G 73 5.08 27.95 20.07
C PRO G 73 4.64 27.39 21.42
N CYS G 74 3.33 27.29 21.60
CA CYS G 74 2.80 26.79 22.86
C CYS G 74 2.00 25.55 22.67
N PHE G 75 2.62 24.40 22.79
CA PHE G 75 1.84 23.17 22.76
C PHE G 75 0.84 23.18 23.93
N ASN G 76 -0.45 23.18 23.61
CA ASN G 76 -1.51 23.27 24.62
C ASN G 76 -1.30 24.35 25.68
N GLY G 77 -1.15 25.58 25.20
CA GLY G 77 -1.03 26.73 26.08
C GLY G 77 0.28 26.80 26.85
N ARG G 78 1.10 25.76 26.73
CA ARG G 78 2.39 25.77 27.43
C ARG G 78 3.60 25.55 26.51
N VAL G 79 4.71 26.18 26.88
CA VAL G 79 5.90 26.16 26.05
C VAL G 79 6.86 25.05 26.45
N VAL G 80 7.10 24.11 25.55
CA VAL G 80 8.02 23.02 25.82
C VAL G 80 9.16 23.14 24.83
N SER G 81 10.39 23.14 25.31
CA SER G 81 11.51 23.37 24.43
C SER G 81 12.71 22.45 24.67
N TRP G 82 13.51 22.25 23.62
CA TRP G 82 14.74 21.46 23.74
C TRP G 82 15.95 22.29 23.39
N LEU G 83 17.04 22.06 24.12
CA LEU G 83 18.29 22.73 23.82
C LEU G 83 19.35 21.72 23.39
N VAL G 84 19.79 21.89 22.15
CA VAL G 84 20.89 21.13 21.59
C VAL G 84 21.84 22.09 20.91
N LEU G 85 23.00 21.58 20.52
CA LEU G 85 24.13 22.43 20.18
C LEU G 85 24.66 22.19 18.76
N ASP H 5 7.67 30.39 3.47
CA ASP H 5 6.43 30.09 2.77
C ASP H 5 6.28 28.58 2.55
N THR H 6 7.32 27.83 2.92
CA THR H 6 7.30 26.37 2.79
C THR H 6 7.56 25.63 4.11
N LYS H 7 6.60 24.81 4.51
CA LYS H 7 6.77 23.99 5.71
C LYS H 7 7.34 22.65 5.30
N ILE H 8 8.47 22.28 5.90
CA ILE H 8 9.00 20.93 5.70
C ILE H 8 9.28 20.20 7.02
N ILE H 9 8.48 19.17 7.29
CA ILE H 9 8.64 18.36 8.47
C ILE H 9 9.39 17.09 8.12
N TYR H 10 10.50 16.83 8.82
CA TYR H 10 11.33 15.68 8.51
C TYR H 10 11.51 14.75 9.71
N HIS H 11 11.77 13.46 9.45
CA HIS H 11 12.02 12.47 10.49
C HIS H 11 13.49 12.09 10.55
N MET H 12 13.87 11.38 11.60
CA MET H 12 15.27 11.09 11.88
C MET H 12 15.31 9.78 12.63
N ASP H 13 14.57 9.79 13.75
CA ASP H 13 14.45 8.65 14.65
C ASP H 13 15.56 8.72 15.72
N GLU H 16 12.10 10.45 18.23
CA GLU H 16 10.75 9.96 18.51
C GLU H 16 9.70 10.84 17.82
N THR H 17 10.00 12.13 17.71
CA THR H 17 9.09 13.08 17.08
C THR H 17 9.73 13.89 15.95
N PRO H 18 8.97 14.10 14.86
CA PRO H 18 9.40 14.79 13.65
C PRO H 18 9.79 16.25 13.89
N ASP H 19 10.68 16.80 13.07
CA ASP H 19 11.12 18.17 13.25
C ASP H 19 10.64 19.05 12.13
N LEU H 20 9.89 20.10 12.47
CA LEU H 20 9.41 21.06 11.50
C LEU H 20 10.39 22.21 11.36
N VAL H 21 10.78 22.52 10.13
CA VAL H 21 11.60 23.71 9.87
C VAL H 21 10.99 24.41 8.68
N LYS H 22 10.67 25.68 8.86
CA LYS H 22 10.00 26.46 7.84
C LYS H 22 11.01 27.31 7.06
N LEU H 23 10.73 27.51 5.77
CA LEU H 23 11.66 28.21 4.87
C LEU H 23 10.97 29.27 4.01
N PRO H 24 11.69 30.38 3.73
CA PRO H 24 11.22 31.53 2.95
C PRO H 24 10.66 31.11 1.60
N VAL H 25 11.56 30.56 0.77
CA VAL H 25 11.24 29.97 -0.53
C VAL H 25 9.82 29.44 -0.62
N ALA H 26 9.04 29.91 -1.60
CA ALA H 26 7.69 29.40 -1.79
C ALA H 26 7.74 27.88 -2.04
N PRO H 27 6.58 27.24 -2.27
CA PRO H 27 6.67 25.80 -2.58
C PRO H 27 7.77 25.47 -3.60
N GLU H 28 7.93 26.34 -4.60
CA GLU H 28 8.89 26.10 -5.69
C GLU H 28 10.33 26.30 -5.21
N ARG H 29 11.23 26.54 -6.17
CA ARG H 29 12.58 27.01 -5.87
C ARG H 29 13.25 26.29 -4.69
N VAL H 30 12.90 25.02 -4.48
CA VAL H 30 13.33 24.29 -3.29
C VAL H 30 14.33 23.18 -3.63
N THR H 31 15.36 22.98 -2.81
CA THR H 31 16.42 22.05 -3.16
C THR H 31 16.98 21.30 -1.96
N LEU H 32 17.45 20.07 -2.18
CA LEU H 32 18.03 19.28 -1.10
C LEU H 32 19.18 19.97 -0.37
N ALA H 33 19.59 21.15 -0.84
CA ALA H 33 20.60 21.91 -0.11
C ALA H 33 19.89 23.03 0.64
N ASP H 34 18.90 23.60 -0.03
CA ASP H 34 17.99 24.59 0.53
C ASP H 34 17.66 24.21 1.98
N PHE H 35 17.60 22.91 2.22
CA PHE H 35 17.18 22.35 3.50
C PHE H 35 18.35 21.59 4.14
N LYS H 36 19.44 21.49 3.40
CA LYS H 36 20.64 20.83 3.88
C LYS H 36 21.41 21.75 4.83
N ASN H 37 21.71 22.96 4.35
CA ASN H 37 22.46 23.94 5.12
C ASN H 37 21.87 24.19 6.51
N VAL H 38 20.57 23.90 6.64
CA VAL H 38 19.82 24.13 7.86
C VAL H 38 20.19 23.14 8.96
N LEU H 39 20.84 22.02 8.58
CA LEU H 39 21.27 21.01 9.55
C LEU H 39 22.78 21.03 9.78
N SER H 40 23.30 22.21 10.09
CA SER H 40 24.73 22.36 10.30
C SER H 40 25.11 21.91 11.71
N ASN H 41 24.19 21.20 12.36
CA ASN H 41 24.46 20.67 13.69
C ASN H 41 24.84 19.20 13.64
N ARG H 42 24.52 18.55 12.53
CA ARG H 42 24.63 17.10 12.43
C ARG H 42 25.33 16.60 11.15
N PRO H 43 25.79 15.32 11.15
CA PRO H 43 26.53 14.73 10.03
C PRO H 43 25.75 14.81 8.72
N VAL H 44 25.95 15.87 7.94
CA VAL H 44 25.08 16.15 6.80
C VAL H 44 25.15 15.13 5.66
N HIS H 45 26.30 14.49 5.49
CA HIS H 45 26.49 13.61 4.33
C HIS H 45 26.62 12.14 4.70
N ALA H 46 26.48 11.83 5.98
CA ALA H 46 26.37 10.44 6.37
C ALA H 46 24.91 10.00 6.22
N TYR H 47 24.16 10.74 5.41
CA TYR H 47 22.69 10.61 5.37
C TYR H 47 22.08 10.49 3.98
N LYS H 48 21.05 9.65 3.87
CA LYS H 48 20.21 9.56 2.68
C LYS H 48 18.87 10.26 2.91
N PHE H 49 18.35 10.91 1.86
CA PHE H 49 17.20 11.79 1.99
C PHE H 49 15.98 11.42 1.15
N PHE H 50 14.97 10.84 1.78
CA PHE H 50 13.74 10.50 1.07
C PHE H 50 12.71 11.59 1.20
N PHE H 51 11.70 11.60 0.33
CA PHE H 51 10.65 12.61 0.38
C PHE H 51 9.32 12.06 -0.11
N LYS H 52 8.25 12.30 0.65
CA LYS H 52 6.92 11.88 0.23
C LYS H 52 6.56 12.50 -1.12
N SER H 53 6.13 11.69 -2.07
CA SER H 53 5.70 12.24 -3.35
C SER H 53 4.69 11.38 -4.10
N MET H 54 4.08 11.94 -5.14
CA MET H 54 3.10 11.20 -5.91
C MET H 54 3.67 10.69 -7.24
N ASP H 55 3.84 9.38 -7.33
CA ASP H 55 4.14 8.75 -8.59
C ASP H 55 2.84 8.55 -9.35
N GLN H 56 2.81 8.98 -10.60
CA GLN H 56 1.54 9.02 -11.33
C GLN H 56 1.03 7.65 -11.76
N ASP H 57 1.84 6.62 -11.50
CA ASP H 57 1.47 5.25 -11.86
C ASP H 57 1.27 4.37 -10.63
N PHE H 58 2.02 4.64 -9.57
CA PHE H 58 1.93 3.83 -8.35
C PHE H 58 1.42 4.59 -7.13
N GLY H 59 0.99 5.83 -7.33
CA GLY H 59 0.49 6.64 -6.24
C GLY H 59 1.57 7.16 -5.31
N VAL H 60 1.32 7.07 -4.01
CA VAL H 60 2.17 7.71 -3.01
C VAL H 60 3.39 6.87 -2.72
N VAL H 61 4.57 7.46 -2.81
CA VAL H 61 5.82 6.75 -2.53
C VAL H 61 6.82 7.63 -1.79
N LYS H 62 7.90 7.02 -1.30
CA LYS H 62 8.98 7.77 -0.72
C LYS H 62 10.17 7.83 -1.68
N GLU H 63 10.34 9.00 -2.28
CA GLU H 63 11.33 9.24 -3.33
C GLU H 63 12.67 9.75 -2.81
N GLU H 64 13.68 8.88 -2.70
CA GLU H 64 15.03 9.33 -2.38
C GLU H 64 15.54 10.29 -3.43
N ILE H 65 16.24 11.32 -2.99
CA ILE H 65 16.82 12.35 -3.83
C ILE H 65 18.22 12.72 -3.33
N PHE H 66 19.21 12.73 -4.22
CA PHE H 66 20.60 13.05 -3.83
C PHE H 66 21.19 14.25 -4.58
N ASP H 68 22.99 19.46 -3.94
CA ASP H 68 21.54 19.50 -4.10
C ASP H 68 21.10 18.62 -5.31
N ASN H 69 20.59 19.19 -6.40
CA ASN H 69 20.14 20.57 -6.53
C ASN H 69 18.69 20.45 -6.92
N ALA H 70 18.24 19.21 -6.98
CA ALA H 70 16.89 18.89 -7.40
C ALA H 70 15.85 19.70 -6.65
N LYS H 71 14.71 19.97 -7.28
CA LYS H 71 13.57 20.56 -6.58
C LYS H 71 13.10 19.57 -5.51
N LEU H 72 12.27 20.03 -4.57
CA LEU H 72 11.75 19.13 -3.53
C LEU H 72 10.29 18.78 -3.75
N PRO H 73 9.98 17.47 -3.61
CA PRO H 73 8.74 16.80 -4.00
C PRO H 73 7.53 17.34 -3.29
N CYS H 74 7.44 18.66 -3.18
CA CYS H 74 6.37 19.24 -2.41
C CYS H 74 5.09 18.48 -2.66
N PHE H 75 4.33 18.30 -1.59
CA PHE H 75 3.10 17.55 -1.64
C PHE H 75 2.05 18.28 -0.82
N ASN H 76 1.24 19.09 -1.50
CA ASN H 76 0.03 19.61 -0.89
C ASN H 76 0.27 20.69 0.16
N GLY H 77 1.15 21.63 -0.15
CA GLY H 77 1.48 22.72 0.75
C GLY H 77 2.53 22.35 1.79
N ARG H 78 2.84 21.06 1.89
CA ARG H 78 3.84 20.60 2.83
C ARG H 78 4.80 19.60 2.23
N VAL H 79 6.04 19.63 2.71
CA VAL H 79 7.07 18.73 2.22
C VAL H 79 7.50 17.78 3.33
N VAL H 80 7.29 16.49 3.11
CA VAL H 80 7.55 15.50 4.15
C VAL H 80 8.75 14.67 3.78
N SER H 81 9.71 14.56 4.69
CA SER H 81 10.96 13.89 4.38
C SER H 81 11.44 12.99 5.49
N TRP H 82 12.15 11.92 5.12
CA TRP H 82 12.86 11.10 6.09
C TRP H 82 14.34 11.23 5.78
N LEU H 83 15.17 10.81 6.73
CA LEU H 83 16.61 10.92 6.55
C LEU H 83 17.29 9.73 7.22
N VAL H 84 18.07 8.98 6.44
CA VAL H 84 18.72 7.80 7.01
C VAL H 84 20.21 7.76 6.75
N LEU H 85 20.92 7.17 7.70
CA LEU H 85 22.37 7.03 7.64
C LEU H 85 22.79 6.04 6.54
N ALA H 86 23.65 6.51 5.63
CA ALA H 86 24.05 5.75 4.44
C ALA H 86 24.47 4.30 4.71
N GLU H 87 24.69 3.94 5.97
CA GLU H 87 24.87 2.53 6.36
C GLU H 87 24.81 2.30 7.87
N GLY H 88 24.22 1.17 8.25
CA GLY H 88 24.11 0.80 9.65
C GLY H 88 24.41 -0.66 9.88
#